data_6QJ3
#
_entry.id   6QJ3
#
_cell.length_a   86.615
_cell.length_b   81.760
_cell.length_c   132.878
_cell.angle_alpha   90.00
_cell.angle_beta   93.15
_cell.angle_gamma   90.00
#
_symmetry.space_group_name_H-M   'P 1 21 1'
#
loop_
_entity.id
_entity.type
_entity.pdbx_description
1 polymer 'Condensin complex subunit 1,Condensin complex subunit 1,Ycs4'
2 polymer 'Condensin complex subunit 2'
3 polymer Brn1
#
loop_
_entity_poly.entity_id
_entity_poly.type
_entity_poly.pdbx_seq_one_letter_code
_entity_poly.pdbx_strand_id
1 'polypeptide(L)'
;(MSE)TVNWDINEALKNY(MSE)SDPSTIQTPEADSALVDCENDPESLLDNGLINSVLNPIVDAVAESPDAITRSHIFDS
LQFLLKYTSYLSTHALSKLFDLITSGLGAEADVVHHDLESDEQELIPAHKQLLE(MSE)YGFLLQWTLTAAEAKAAEKSS
TTVPARGRGKPKSKTGPGQDGTWDSVRQLETALST(MSE)CKVLRLKLGKIFITTSERDTFIGLLTRPVY(MSE)ILESE
QRVKNTSIR(MSE)HAFKVLC(MSE)AVKHHGHGYAAQVSIVQNLTYFEHLSEP(MSE)AEFLHILAEQYDYPQLADEVL
RELSNKEFNSNDTKGPKSVSAF(MSE)IRLSELAPRLVIKQVTLLAKQLDSESYTLRCALIEVFGN(MSE)LAYLSKSEE
RGENHKSQ(MSE)NAFFDVLEERFLDINPYCRCRTIQVYIKLCELDQKFPKRRQRAAELACRSL(MSE)DKSSHVRRNAI
KLLATLIRTHPFTALHGAQLARKDWQERLERVEAELNVLKPPPEAAGLEGDKANTSADQGLLDDATQVDSPKKRLED
(MSE)TEEEKIEAVRKAQEQAATSEAIEKLTLTKRYYTEALKFIDVLHEATPVICQLLGSKNKSEVIEA(MSE)DYFEIG
DAYNIEQNKIGIRK(MSE)LRLIWTKGSSDEGKGVQTHLIECYKRLFFEAPDSFSPNDAANYIARN(MSE)ISLTFGATP
AELTSLEQLLHL(MSE)(MSE)KQG(MSE)IPDLVIAKLWQVYGVQRREISKKQRRGAIIVLG(MSE)LATASPEIVVGE
(MSE)ET(MSE)LRIGLGAHGRADLQLAKYTCIALRRINPTSRQTEKGSTTTFSRLPNDHAVLVKLAAITEVPTDNKEWY
GVAEQAINAIYALSKHPDVLCSEIIRRKTRAVFARSTSKESVIGLSQLLFIVGHVAIKQIVHLELCELDFKRRKQEKDKE
KAQQQEQEDNELD(MSE)IGGTTEDDFTEA(MSE)AHIRERELLFGPQSLLAQFGP(MSE)VSEICANNTVYKDRNLQQA
ATLCLAKL(MSE)CVSSEYCEANLPLLITI(MSE)ERSPDPTVRSNAVIALGD(MSE)AVCFNHLIDENTDFLYRRLADP
QP(MSE)VKRTCL(MSE)TLTFLILAGQVKVKGQLGE(MSE)AKCLEDEDKRIADLAR(MSE)FFTELSTKDNAVYNHFV
D(MSE)FSLLSADERIDEEAFRRIVRFLLGFVEKDK(UNK)(UNK)(UNK)(UNK)(UNK)(UNK)(UNK)(UNK)
(UNK)(UNK)(UNK)(UNK)(UNK)(UNK)(UNK)(UNK)(UNK)(UNK)(UNK)(UNK)(UNK)(UNK)(UNK)(UNK)
(UNK)(UNK)(UNK)(UNK)(UNK)(UNK)(UNK)(UNK)(UNK)(UNK)(UNK)(UNK)(UNK)(UNK)(UNK)(UNK)
(UNK)(UNK)(UNK)(UNK)(UNK)(UNK)(UNK)(UNK)(UNK)(UNK)(UNK)(UNK)(UNK)(UNK)
;
A
2 'polypeptide(L)'
;GH(MSE)EDGTVRKKPKKKTQRSSEATLAPSFASLQLKKLELEFAVDPFFKKASADFDEGGAKGLLLNHL(MSE)IDSQG
RIVFDSSDDAEDVAEASAKPSREADDERPDSEDADADGDIS(MSE)TDRDASAPGQVETQPEEEDEDVEIDVAALGAKYF
PDLSILDSLDVCPSLKTFDLGDPSGSLYIPFLKVPDDWRHDQEKEKTPG
;
B
3 'polypeptide(L)'
;(UNK)(UNK)(UNK)(UNK)(UNK)(UNK)(UNK)(UNK)(UNK)(UNK)(UNK)(UNK)(UNK)(UNK)(UNK)(UNK)
(UNK)(UNK)(UNK)(UNK)
;
C
#
# COMPACT_ATOMS: atom_id res chain seq x y z
N THR A 2 69.89 19.04 24.41
CA THR A 2 70.09 18.75 25.82
C THR A 2 69.30 17.51 26.23
N VAL A 3 68.62 16.89 25.26
CA VAL A 3 67.80 15.72 25.52
C VAL A 3 67.93 14.76 24.35
N ASN A 4 68.05 13.47 24.65
CA ASN A 4 68.24 12.43 23.64
C ASN A 4 66.93 12.20 22.90
N TRP A 5 66.85 12.68 21.66
CA TRP A 5 65.62 12.53 20.88
C TRP A 5 65.72 11.30 19.97
N ASP A 6 64.94 10.27 20.29
CA ASP A 6 64.78 9.09 19.45
C ASP A 6 63.29 8.93 19.23
N ILE A 7 62.82 9.34 18.04
CA ILE A 7 61.39 9.39 17.74
C ILE A 7 60.71 8.08 18.13
N ASN A 8 61.36 6.96 17.81
CA ASN A 8 60.75 5.66 18.03
C ASN A 8 60.78 5.24 19.49
N GLU A 9 61.82 5.60 20.23
CA GLU A 9 61.82 5.35 21.67
C GLU A 9 60.70 6.14 22.35
N ALA A 10 60.57 7.43 22.01
CA ALA A 10 59.51 8.25 22.56
C ALA A 10 58.14 7.67 22.21
N LEU A 11 57.96 7.26 20.96
CA LEU A 11 56.66 6.72 20.55
C LEU A 11 56.37 5.38 21.21
N LYS A 12 57.38 4.53 21.38
CA LYS A 12 57.17 3.25 22.04
C LYS A 12 56.76 3.46 23.49
N ASN A 13 57.46 4.36 24.19
CA ASN A 13 57.09 4.68 25.57
C ASN A 13 55.71 5.30 25.64
N TYR A 14 55.34 6.10 24.63
CA TYR A 14 54.05 6.79 24.63
C TYR A 14 52.90 5.82 24.37
N MSE A 15 53.09 4.88 23.45
CA MSE A 15 52.08 3.90 23.11
C MSE A 15 51.91 2.89 24.23
O MSE A 15 50.81 2.39 24.46
CB MSE A 15 52.42 3.18 21.80
CG MSE A 15 52.52 4.08 20.58
SE MSE A 15 50.84 4.98 20.16
CE MSE A 15 51.45 6.07 18.66
N SER A 16 53.01 2.58 24.94
CA SER A 16 52.89 1.70 26.09
C SER A 16 52.04 2.35 27.18
N ASP A 17 52.44 3.54 27.58
CA ASP A 17 51.68 4.29 28.50
C ASP A 17 52.20 5.62 28.21
N PRO A 18 51.30 6.62 28.40
CA PRO A 18 51.85 7.94 28.21
C PRO A 18 52.01 8.56 29.60
N SER A 19 51.29 8.04 30.57
CA SER A 19 51.29 8.54 31.91
C SER A 19 52.61 8.42 32.59
N THR A 20 53.46 7.54 32.09
CA THR A 20 54.72 7.31 32.73
C THR A 20 55.95 7.79 32.01
N ILE A 21 55.81 8.72 31.09
CA ILE A 21 56.96 9.21 30.37
C ILE A 21 57.80 9.88 31.43
N GLN A 22 59.09 10.04 31.19
CA GLN A 22 60.01 10.67 32.14
C GLN A 22 60.01 12.19 32.06
N THR A 23 59.68 12.85 33.18
CA THR A 23 59.57 14.30 33.25
C THR A 23 60.49 15.05 34.22
N PRO A 24 61.73 14.48 34.50
CA PRO A 24 62.54 15.20 35.49
C PRO A 24 62.94 16.64 35.23
N GLU A 25 63.38 16.99 34.04
CA GLU A 25 63.85 18.35 33.87
C GLU A 25 62.91 19.46 33.43
N ALA A 26 61.93 19.74 34.28
CA ALA A 26 60.96 20.80 34.05
C ALA A 26 60.76 21.29 35.43
N ASP A 27 60.15 22.44 35.58
CA ASP A 27 60.02 23.02 36.90
C ASP A 27 59.44 22.06 37.90
N SER A 28 60.11 22.03 39.03
CA SER A 28 59.73 21.19 40.13
C SER A 28 58.66 21.86 40.92
N ALA A 29 58.38 23.11 40.59
CA ALA A 29 57.41 23.86 41.34
C ALA A 29 56.13 23.10 41.26
N LEU A 30 55.84 22.71 40.04
CA LEU A 30 54.66 21.95 39.73
C LEU A 30 54.93 20.53 40.07
N VAL A 31 56.15 20.08 39.77
CA VAL A 31 56.53 18.71 40.00
C VAL A 31 56.30 18.48 41.44
N ASP A 32 56.62 19.51 42.18
CA ASP A 32 56.36 19.39 43.60
C ASP A 32 54.87 19.30 43.89
N CYS A 33 54.05 20.01 43.11
CA CYS A 33 52.60 19.95 43.32
C CYS A 33 52.02 18.73 42.61
N GLU A 34 52.62 17.57 42.84
CA GLU A 34 52.08 16.33 42.28
C GLU A 34 50.78 15.92 42.95
N ASN A 35 50.64 16.21 44.24
CA ASN A 35 49.45 15.86 44.99
C ASN A 35 48.40 16.95 45.01
N ASP A 36 48.77 18.19 44.66
CA ASP A 36 47.88 19.36 44.77
C ASP A 36 47.95 20.15 43.46
N PRO A 37 47.29 19.65 42.40
CA PRO A 37 47.42 20.29 41.08
C PRO A 37 46.35 21.31 40.78
N GLU A 38 46.78 22.48 40.29
CA GLU A 38 45.87 23.53 39.87
C GLU A 38 46.61 24.54 38.99
N SER A 39 46.09 25.77 38.94
CA SER A 39 46.39 26.80 37.96
C SER A 39 47.43 27.81 38.45
N LEU A 40 48.48 27.35 39.13
CA LEU A 40 49.60 28.24 39.43
C LEU A 40 50.32 28.65 38.15
N LEU A 41 50.40 27.73 37.18
CA LEU A 41 51.10 27.96 35.93
C LEU A 41 50.43 29.03 35.08
N ASP A 42 49.37 29.61 35.64
CA ASP A 42 48.30 30.30 34.94
C ASP A 42 48.76 31.01 33.66
N ASN A 43 49.72 31.93 33.77
CA ASN A 43 50.29 32.51 32.55
C ASN A 43 51.82 32.51 32.54
N GLY A 44 52.45 32.71 33.70
CA GLY A 44 53.89 32.91 33.73
C GLY A 44 54.68 31.68 33.33
N LEU A 45 54.26 30.51 33.80
CA LEU A 45 55.02 29.30 33.54
C LEU A 45 55.07 29.00 32.04
N ILE A 46 53.97 29.24 31.34
CA ILE A 46 53.95 29.07 29.89
C ILE A 46 54.41 30.33 29.16
N ASN A 47 54.43 31.48 29.84
CA ASN A 47 54.99 32.68 29.22
C ASN A 47 56.51 32.56 29.11
N SER A 48 57.16 31.99 30.12
CA SER A 48 58.59 31.78 30.06
C SER A 48 58.97 30.78 28.97
N VAL A 49 58.04 29.91 28.60
CA VAL A 49 58.27 28.92 27.56
C VAL A 49 57.81 29.42 26.19
N LEU A 50 56.94 30.43 26.15
CA LEU A 50 56.36 30.96 24.92
C LEU A 50 57.22 32.06 24.31
N ASN A 51 57.83 32.91 25.14
CA ASN A 51 58.68 33.97 24.62
C ASN A 51 59.88 33.47 23.82
N PRO A 52 60.60 32.41 24.22
CA PRO A 52 61.74 31.97 23.40
C PRO A 52 61.34 31.56 21.99
N ILE A 53 60.22 30.87 21.83
CA ILE A 53 59.77 30.44 20.50
C ILE A 53 59.38 31.69 19.71
N VAL A 54 60.03 31.88 18.56
CA VAL A 54 59.93 33.11 17.78
C VAL A 54 60.33 34.31 18.62
N PRO A 61 61.92 29.22 17.57
CA PRO A 61 61.24 28.00 17.13
C PRO A 61 61.93 26.72 17.61
N ASP A 62 63.25 26.64 17.42
CA ASP A 62 64.03 25.50 17.90
C ASP A 62 64.14 25.45 19.42
N ALA A 63 63.51 26.40 20.11
CA ALA A 63 63.62 26.48 21.57
C ALA A 63 63.13 25.22 22.29
N ILE A 64 62.32 24.39 21.64
CA ILE A 64 61.86 23.16 22.30
C ILE A 64 62.95 22.11 22.38
N THR A 65 64.14 22.40 21.87
CA THR A 65 65.24 21.46 22.02
C THR A 65 65.68 21.35 23.47
N ARG A 66 65.64 22.46 24.22
CA ARG A 66 66.19 22.48 25.56
C ARG A 66 65.41 21.55 26.49
N SER A 67 66.15 20.76 27.28
CA SER A 67 65.58 19.78 28.21
C SER A 67 64.72 20.42 29.30
N HIS A 68 64.61 21.74 29.35
CA HIS A 68 63.76 22.42 30.32
C HIS A 68 62.40 22.78 29.74
N ILE A 69 62.35 23.20 28.47
CA ILE A 69 61.07 23.52 27.84
C ILE A 69 60.29 22.24 27.55
N PHE A 70 60.98 21.24 27.01
CA PHE A 70 60.32 20.03 26.50
C PHE A 70 59.67 19.23 27.64
N ASP A 71 60.49 18.84 28.63
CA ASP A 71 60.04 17.96 29.70
C ASP A 71 59.04 18.64 30.64
N SER A 72 58.80 19.94 30.49
CA SER A 72 57.75 20.62 31.22
C SER A 72 56.42 20.54 30.49
N LEU A 73 56.46 20.79 29.17
CA LEU A 73 55.28 20.56 28.33
C LEU A 73 54.79 19.13 28.46
N GLN A 74 55.71 18.16 28.51
CA GLN A 74 55.28 16.77 28.65
C GLN A 74 54.65 16.52 30.01
N PHE A 75 55.18 17.16 31.07
CA PHE A 75 54.58 17.01 32.40
C PHE A 75 53.15 17.53 32.41
N LEU A 76 52.93 18.72 31.86
CA LEU A 76 51.58 19.25 31.78
C LEU A 76 50.69 18.36 30.94
N LEU A 77 51.24 17.81 29.85
CA LEU A 77 50.48 16.94 28.95
C LEU A 77 50.05 15.67 29.66
N LYS A 78 50.86 15.19 30.61
CA LYS A 78 50.47 14.01 31.39
C LYS A 78 49.41 14.37 32.43
N TYR A 79 49.43 15.60 32.94
CA TYR A 79 48.47 16.06 33.92
C TYR A 79 47.43 16.99 33.30
N THR A 80 47.09 16.76 32.04
CA THR A 80 46.12 17.59 31.34
C THR A 80 44.72 17.46 31.93
N SER A 81 44.44 16.38 32.65
CA SER A 81 43.14 16.25 33.30
C SER A 81 42.94 17.33 34.36
N TYR A 82 43.99 17.62 35.13
CA TYR A 82 43.94 18.65 36.15
C TYR A 82 44.11 20.05 35.59
N LEU A 83 44.72 20.16 34.40
CA LEU A 83 44.85 21.42 33.67
C LEU A 83 43.49 22.09 33.47
N SER A 84 43.50 23.40 33.26
CA SER A 84 42.30 24.12 32.89
C SER A 84 42.13 24.10 31.37
N THR A 85 40.97 24.60 30.92
CA THR A 85 40.73 24.67 29.48
C THR A 85 41.55 25.79 28.84
N HIS A 86 41.70 26.91 29.54
CA HIS A 86 42.48 28.02 28.99
C HIS A 86 43.97 27.69 28.96
N ALA A 87 44.49 27.07 30.02
CA ALA A 87 45.88 26.62 30.01
C ALA A 87 46.14 25.65 28.87
N LEU A 88 45.19 24.74 28.62
CA LEU A 88 45.33 23.81 27.50
C LEU A 88 45.30 24.55 26.17
N SER A 89 44.43 25.55 26.04
CA SER A 89 44.36 26.29 24.78
C SER A 89 45.66 27.05 24.52
N LYS A 90 46.26 27.61 25.59
CA LYS A 90 47.53 28.32 25.44
C LYS A 90 48.65 27.35 25.05
N LEU A 91 48.73 26.21 25.75
CA LEU A 91 49.70 25.17 25.42
C LEU A 91 49.50 24.70 23.97
N PHE A 92 48.26 24.64 23.52
CA PHE A 92 47.94 24.20 22.16
C PHE A 92 48.42 25.19 21.12
N ASP A 93 48.03 26.46 21.28
CA ASP A 93 48.50 27.50 20.37
C ASP A 93 50.02 27.58 20.33
N LEU A 94 50.68 27.32 21.46
CA LEU A 94 52.13 27.32 21.50
C LEU A 94 52.71 26.34 20.48
N ILE A 95 52.29 25.07 20.54
CA ILE A 95 52.84 24.05 19.66
C ILE A 95 52.42 24.29 18.22
N THR A 96 51.17 24.70 18.00
CA THR A 96 50.72 24.97 16.64
C THR A 96 51.58 26.06 15.99
N SER A 97 51.78 27.17 16.70
CA SER A 97 52.57 28.27 16.19
C SER A 97 54.04 27.88 16.00
N GLY A 98 54.59 27.10 16.94
CA GLY A 98 55.97 26.69 16.81
C GLY A 98 56.20 25.78 15.61
N LEU A 99 55.27 24.87 15.36
CA LEU A 99 55.35 24.04 14.16
C LEU A 99 55.25 24.90 12.91
N GLY A 100 54.34 25.88 12.91
CA GLY A 100 54.24 26.77 11.76
C GLY A 100 55.54 27.49 11.50
N ALA A 101 56.23 27.91 12.56
CA ALA A 101 57.50 28.62 12.40
C ALA A 101 58.59 27.70 11.88
N GLU A 102 58.73 26.51 12.49
CA GLU A 102 59.74 25.57 12.04
C GLU A 102 59.52 25.16 10.59
N ALA A 103 58.26 25.08 10.15
CA ALA A 103 57.99 24.77 8.76
C ALA A 103 58.65 25.78 7.82
N ASP A 104 58.52 27.06 8.13
CA ASP A 104 59.15 28.08 7.31
C ASP A 104 60.67 28.06 7.45
N VAL A 105 61.18 27.68 8.62
CA VAL A 105 62.63 27.52 8.76
C VAL A 105 63.13 26.45 7.79
N VAL A 106 62.41 25.34 7.70
CA VAL A 106 62.82 24.26 6.80
C VAL A 106 62.69 24.70 5.35
N HIS A 107 61.59 25.40 5.02
CA HIS A 107 61.42 25.88 3.65
C HIS A 107 62.56 26.82 3.26
N HIS A 108 62.97 27.68 4.19
CA HIS A 108 64.07 28.61 3.94
C HIS A 108 65.39 27.88 3.76
N ASP A 109 65.65 26.85 4.57
CA ASP A 109 66.90 26.11 4.43
C ASP A 109 66.89 25.15 3.24
N LEU A 110 65.73 24.87 2.64
CA LEU A 110 65.71 24.09 1.41
C LEU A 110 65.79 24.96 0.16
N GLU A 111 65.22 26.17 0.19
CA GLU A 111 65.31 27.04 -0.98
C GLU A 111 66.74 27.49 -1.23
N SER A 112 67.50 27.78 -0.17
CA SER A 112 68.90 28.16 -0.26
C SER A 112 69.75 26.99 0.21
N ASP A 113 70.76 26.62 -0.57
CA ASP A 113 71.55 25.43 -0.26
C ASP A 113 72.25 25.57 1.08
N GLU A 114 71.78 24.81 2.06
CA GLU A 114 72.29 24.90 3.43
C GLU A 114 72.05 23.54 4.10
N GLN A 115 73.08 22.72 4.14
CA GLN A 115 73.01 21.39 4.72
C GLN A 115 73.68 21.37 6.09
N GLU A 116 73.74 20.18 6.68
CA GLU A 116 74.38 19.88 7.96
C GLU A 116 73.56 20.43 9.14
N LEU A 117 72.55 21.25 8.86
CA LEU A 117 71.59 21.65 9.89
C LEU A 117 70.21 21.11 9.61
N ILE A 118 70.01 20.47 8.47
CA ILE A 118 68.76 19.80 8.10
C ILE A 118 68.53 18.56 8.98
N PRO A 119 69.55 17.72 9.26
CA PRO A 119 69.31 16.59 10.16
C PRO A 119 68.84 16.99 11.55
N ALA A 120 69.10 18.24 11.98
CA ALA A 120 68.52 18.72 13.23
C ALA A 120 67.06 19.12 13.03
N HIS A 121 66.75 19.73 11.88
CA HIS A 121 65.37 19.97 11.50
C HIS A 121 64.54 18.68 11.55
N LYS A 122 65.15 17.55 11.22
CA LYS A 122 64.43 16.27 11.27
C LYS A 122 63.94 15.99 12.69
N GLN A 123 64.87 15.93 13.64
CA GLN A 123 64.52 15.68 15.04
C GLN A 123 63.54 16.72 15.55
N LEU A 124 63.67 17.98 15.10
CA LEU A 124 62.83 19.05 15.63
C LEU A 124 61.39 18.97 15.11
N LEU A 125 61.23 18.69 13.80
CA LEU A 125 59.90 18.46 13.27
C LEU A 125 59.25 17.25 13.92
N GLU A 126 60.02 16.19 14.14
CA GLU A 126 59.44 15.01 14.78
C GLU A 126 59.05 15.30 16.22
N MSE A 127 59.82 16.14 16.91
CA MSE A 127 59.50 16.55 18.27
C MSE A 127 58.18 17.31 18.33
O MSE A 127 57.29 16.99 19.12
CB MSE A 127 60.63 17.43 18.82
CG MSE A 127 61.63 16.68 19.67
SE MSE A 127 63.12 17.80 20.19
CE MSE A 127 63.52 16.97 21.90
N TYR A 128 58.08 18.33 17.47
CA TYR A 128 56.84 19.11 17.39
C TYR A 128 55.65 18.24 17.02
N GLY A 129 55.86 17.25 16.14
CA GLY A 129 54.76 16.36 15.77
C GLY A 129 54.30 15.49 16.92
N PHE A 130 55.26 14.93 17.66
CA PHE A 130 54.94 14.19 18.87
C PHE A 130 54.10 15.04 19.81
N LEU A 131 54.50 16.30 20.00
CA LEU A 131 53.78 17.18 20.92
C LEU A 131 52.38 17.53 20.40
N LEU A 132 52.23 17.80 19.10
CA LEU A 132 50.91 18.05 18.54
C LEU A 132 50.00 16.85 18.71
N GLN A 133 50.52 15.65 18.44
CA GLN A 133 49.73 14.43 18.61
C GLN A 133 49.22 14.32 20.04
N TRP A 134 50.12 14.51 21.00
CA TRP A 134 49.74 14.40 22.41
C TRP A 134 48.68 15.44 22.76
N THR A 135 48.91 16.69 22.35
CA THR A 135 47.96 17.76 22.68
C THR A 135 46.62 17.57 21.99
N LEU A 136 46.61 16.99 20.78
CA LEU A 136 45.35 16.76 20.09
C LEU A 136 44.52 15.69 20.79
N THR A 137 45.17 14.59 21.20
CA THR A 137 44.42 13.59 21.94
C THR A 137 43.91 14.15 23.27
N ALA A 138 44.74 14.94 23.96
CA ALA A 138 44.30 15.54 25.22
C ALA A 138 43.16 16.54 25.02
N ALA A 139 43.23 17.33 23.94
CA ALA A 139 42.22 18.35 23.69
C ALA A 139 40.90 17.72 23.28
N GLU A 140 40.93 16.66 22.48
CA GLU A 140 39.70 15.95 22.16
C GLU A 140 39.15 15.21 23.37
N ALA A 141 40.02 14.83 24.31
CA ALA A 141 39.54 14.30 25.58
C ALA A 141 38.79 15.37 26.37
N LYS A 142 39.34 16.59 26.41
CA LYS A 142 38.68 17.68 27.12
C LYS A 142 37.37 18.08 26.44
N ALA A 143 37.33 18.05 25.10
CA ALA A 143 36.13 18.46 24.39
C ALA A 143 34.96 17.51 24.60
N ALA A 144 35.22 16.30 25.10
CA ALA A 144 34.14 15.34 25.33
C ALA A 144 33.18 15.82 26.41
N GLU A 145 33.68 16.60 27.38
CA GLU A 145 32.85 17.12 28.46
C GLU A 145 32.04 18.29 27.93
N LYS A 146 30.92 17.96 27.29
CA LYS A 146 30.03 18.97 26.74
C LYS A 146 28.60 18.45 26.64
N ASP A 172 34.57 26.74 19.86
CA ASP A 172 35.84 27.40 20.14
C ASP A 172 37.03 26.49 19.82
N SER A 173 36.99 25.25 20.31
CA SER A 173 38.01 24.28 19.96
C SER A 173 38.02 23.96 18.47
N VAL A 174 36.90 24.22 17.78
CA VAL A 174 36.84 24.06 16.33
C VAL A 174 37.71 25.12 15.65
N ARG A 175 37.52 26.38 16.04
CA ARG A 175 38.34 27.51 15.61
C ARG A 175 39.79 27.32 16.06
N GLN A 176 40.04 26.25 16.81
CA GLN A 176 41.36 25.84 17.23
C GLN A 176 41.83 24.57 16.54
N LEU A 177 40.92 23.67 16.17
CA LEU A 177 41.28 22.45 15.46
C LEU A 177 41.70 22.75 14.02
N GLU A 178 40.94 23.60 13.33
CA GLU A 178 41.27 23.81 11.92
C GLU A 178 42.62 24.51 11.76
N THR A 179 43.07 25.26 12.77
CA THR A 179 44.38 25.88 12.68
C THR A 179 45.50 24.84 12.75
N ALA A 180 45.36 23.85 13.64
CA ALA A 180 46.35 22.78 13.71
C ALA A 180 46.37 21.99 12.41
N LEU A 181 45.19 21.69 11.86
CA LEU A 181 45.15 20.94 10.61
C LEU A 181 45.78 21.74 9.46
N SER A 182 45.57 23.06 9.44
CA SER A 182 46.17 23.89 8.39
C SER A 182 47.68 23.99 8.55
N THR A 183 48.19 24.02 9.80
CA THR A 183 49.63 23.97 9.98
C THR A 183 50.22 22.63 9.55
N MSE A 184 49.46 21.54 9.72
CA MSE A 184 49.88 20.26 9.15
C MSE A 184 49.94 20.32 7.62
O MSE A 184 50.83 19.73 7.02
CB MSE A 184 48.96 19.12 9.57
CG MSE A 184 49.08 18.73 11.02
SE MSE A 184 47.76 17.38 11.50
CE MSE A 184 48.40 16.97 13.30
N CYS A 185 48.98 21.01 7.00
CA CYS A 185 49.06 21.21 5.56
C CYS A 185 50.31 22.01 5.18
N LYS A 186 50.63 23.04 5.97
CA LYS A 186 51.87 23.79 5.77
C LYS A 186 53.08 22.87 5.80
N VAL A 187 53.13 21.96 6.77
CA VAL A 187 54.23 20.99 6.84
C VAL A 187 54.24 20.12 5.58
N LEU A 188 53.10 19.51 5.26
CA LEU A 188 53.01 18.62 4.11
C LEU A 188 53.18 19.36 2.77
N ARG A 189 53.41 20.67 2.80
CA ARG A 189 53.63 21.43 1.58
C ARG A 189 55.10 21.63 1.22
N LEU A 190 56.01 21.59 2.20
CA LEU A 190 57.37 22.10 2.02
C LEU A 190 58.31 21.15 1.31
N LYS A 191 57.81 20.09 0.67
CA LYS A 191 58.63 19.16 -0.12
C LYS A 191 59.71 18.52 0.76
N LEU A 192 59.23 17.81 1.78
CA LEU A 192 60.10 17.10 2.71
C LEU A 192 60.59 15.78 2.13
N GLY A 193 61.12 14.90 2.97
CA GLY A 193 61.77 13.70 2.52
C GLY A 193 63.23 13.86 2.20
N LYS A 194 63.66 15.08 1.87
CA LYS A 194 65.07 15.44 1.98
C LYS A 194 65.49 15.57 3.42
N ILE A 195 64.52 15.84 4.30
CA ILE A 195 64.75 15.86 5.74
C ILE A 195 64.61 14.46 6.33
N PHE A 196 63.70 13.65 5.78
CA PHE A 196 63.52 12.25 6.17
C PHE A 196 63.94 11.42 4.97
N ILE A 197 65.24 11.12 4.87
CA ILE A 197 65.79 10.57 3.64
C ILE A 197 65.28 9.15 3.37
N THR A 198 65.20 8.31 4.40
CA THR A 198 64.76 6.94 4.19
C THR A 198 63.23 6.88 4.15
N THR A 199 62.72 5.93 3.35
CA THR A 199 61.27 5.75 3.22
C THR A 199 60.61 5.23 4.49
N SER A 200 61.41 4.85 5.50
CA SER A 200 60.89 4.43 6.81
C SER A 200 60.71 5.61 7.75
N GLU A 201 61.66 6.55 7.75
CA GLU A 201 61.53 7.74 8.61
C GLU A 201 60.39 8.62 8.12
N ARG A 202 60.28 8.80 6.80
CA ARG A 202 59.14 9.49 6.22
C ARG A 202 57.83 8.86 6.64
N ASP A 203 57.78 7.52 6.60
CA ASP A 203 56.61 6.78 7.03
C ASP A 203 56.25 7.13 8.48
N THR A 204 57.24 7.00 9.38
CA THR A 204 56.98 7.28 10.79
C THR A 204 56.51 8.72 11.00
N PHE A 205 57.12 9.68 10.29
CA PHE A 205 56.77 11.07 10.52
C PHE A 205 55.37 11.40 10.01
N ILE A 206 55.05 11.04 8.78
CA ILE A 206 53.71 11.42 8.35
C ILE A 206 52.64 10.55 9.01
N GLY A 207 52.98 9.35 9.49
CA GLY A 207 52.07 8.60 10.32
C GLY A 207 51.85 9.28 11.65
N LEU A 208 52.90 9.94 12.16
CA LEU A 208 52.73 10.81 13.32
C LEU A 208 51.72 11.91 13.02
N LEU A 209 51.83 12.53 11.85
CA LEU A 209 50.91 13.62 11.50
C LEU A 209 49.48 13.12 11.32
N THR A 210 49.29 12.01 10.60
CA THR A 210 47.96 11.55 10.24
C THR A 210 47.27 10.76 11.34
N ARG A 211 48.03 10.18 12.27
CA ARG A 211 47.43 9.41 13.37
C ARG A 211 46.41 10.21 14.16
N PRO A 212 46.67 11.44 14.61
CA PRO A 212 45.62 12.19 15.32
C PRO A 212 44.50 12.67 14.41
N VAL A 213 44.75 12.77 13.10
CA VAL A 213 43.69 13.15 12.18
C VAL A 213 42.62 12.07 12.13
N TYR A 214 43.04 10.82 11.87
CA TYR A 214 42.10 9.70 11.92
C TYR A 214 41.40 9.64 13.28
N MSE A 215 42.16 9.83 14.36
CA MSE A 215 41.62 9.94 15.70
C MSE A 215 40.47 10.94 15.73
O MSE A 215 39.39 10.64 16.22
CB MSE A 215 42.73 10.35 16.67
CG MSE A 215 42.37 10.32 18.15
SE MSE A 215 41.99 12.10 18.85
CE MSE A 215 41.38 11.58 20.62
N ILE A 216 40.71 12.12 15.15
CA ILE A 216 39.69 13.15 15.09
C ILE A 216 38.40 12.60 14.49
N LEU A 217 38.51 11.81 13.43
CA LEU A 217 37.33 11.35 12.72
C LEU A 217 36.53 10.30 13.50
N GLU A 218 37.07 9.78 14.61
CA GLU A 218 36.36 8.74 15.34
C GLU A 218 35.24 9.27 16.23
N SER A 219 34.95 10.57 16.19
CA SER A 219 34.10 11.19 17.19
C SER A 219 32.60 11.07 16.87
N GLU A 220 32.24 11.20 15.59
CA GLU A 220 30.92 11.34 14.97
C GLU A 220 30.29 12.73 15.11
N GLN A 221 30.86 13.65 15.87
CA GLN A 221 30.37 15.02 15.87
C GLN A 221 31.35 16.00 15.25
N ARG A 222 32.65 15.69 15.27
CA ARG A 222 33.61 16.47 14.50
C ARG A 222 33.49 16.17 13.02
N VAL A 223 33.14 14.93 12.66
CA VAL A 223 32.96 14.60 11.25
C VAL A 223 31.66 15.19 10.72
N LYS A 224 30.68 15.43 11.59
CA LYS A 224 29.49 16.17 11.18
C LYS A 224 29.87 17.59 10.76
N ASN A 225 30.85 18.19 11.43
CA ASN A 225 31.27 19.56 11.15
C ASN A 225 31.90 19.59 9.77
N THR A 226 31.26 20.30 8.84
CA THR A 226 31.69 20.29 7.45
C THR A 226 33.12 20.82 7.29
N SER A 227 33.46 21.87 8.04
CA SER A 227 34.78 22.48 7.88
C SER A 227 35.87 21.56 8.41
N ILE A 228 35.70 21.04 9.63
CA ILE A 228 36.65 20.08 10.19
C ILE A 228 36.83 18.90 9.25
N ARG A 229 35.70 18.30 8.85
CA ARG A 229 35.72 17.15 7.95
C ARG A 229 36.58 17.41 6.71
N MSE A 230 36.37 18.56 6.07
CA MSE A 230 37.16 18.93 4.90
C MSE A 230 38.62 19.14 5.30
O MSE A 230 39.52 18.62 4.63
CB MSE A 230 36.61 20.19 4.25
CG MSE A 230 35.24 20.02 3.61
SE MSE A 230 35.16 18.41 2.49
CE MSE A 230 33.76 18.93 1.25
N HIS A 231 38.83 19.86 6.40
CA HIS A 231 40.19 20.13 6.84
C HIS A 231 40.96 18.84 7.06
N ALA A 232 40.41 17.95 7.89
CA ALA A 232 41.03 16.64 8.11
C ALA A 232 41.25 15.89 6.81
N PHE A 233 40.37 16.09 5.82
CA PHE A 233 40.58 15.45 4.54
C PHE A 233 41.75 16.09 3.79
N LYS A 234 41.82 17.43 3.80
CA LYS A 234 42.89 18.13 3.08
C LYS A 234 44.26 17.64 3.52
N VAL A 235 44.40 17.27 4.78
CA VAL A 235 45.64 16.66 5.25
C VAL A 235 45.86 15.31 4.58
N LEU A 236 44.91 14.39 4.77
CA LEU A 236 45.10 13.02 4.30
C LEU A 236 45.25 12.95 2.79
N CYS A 237 44.59 13.84 2.06
CA CYS A 237 44.75 13.87 0.60
C CYS A 237 46.13 14.35 0.21
N MSE A 238 46.69 15.31 0.96
CA MSE A 238 48.02 15.84 0.66
C MSE A 238 49.08 14.83 1.06
O MSE A 238 50.14 14.75 0.45
CB MSE A 238 48.26 17.15 1.38
CG MSE A 238 47.86 18.39 0.61
SE MSE A 238 48.33 20.01 1.59
CE MSE A 238 47.60 21.35 0.37
N ALA A 239 48.77 14.06 2.10
CA ALA A 239 49.75 13.11 2.64
C ALA A 239 49.91 11.87 1.78
N VAL A 240 49.03 11.67 0.78
CA VAL A 240 49.14 10.54 -0.14
C VAL A 240 49.58 10.98 -1.54
N LYS A 241 48.98 12.04 -2.07
CA LYS A 241 49.28 12.49 -3.44
C LYS A 241 50.74 12.87 -3.64
N HIS A 242 51.14 13.98 -3.02
CA HIS A 242 52.56 14.19 -2.81
C HIS A 242 52.92 13.28 -1.64
N HIS A 243 54.18 13.33 -1.21
CA HIS A 243 54.97 12.26 -0.57
C HIS A 243 54.22 11.39 0.43
N GLY A 244 54.80 10.25 0.80
CA GLY A 244 54.26 9.59 1.97
C GLY A 244 53.30 8.44 1.75
N HIS A 245 52.33 8.27 2.64
CA HIS A 245 51.61 7.01 2.74
C HIS A 245 50.48 6.95 1.72
N GLY A 246 49.56 6.03 1.93
CA GLY A 246 48.56 5.66 0.95
C GLY A 246 48.24 4.20 1.09
N TYR A 247 49.20 3.43 1.59
CA TYR A 247 48.92 2.09 2.07
C TYR A 247 48.37 2.15 3.50
N ALA A 248 48.96 3.00 4.34
CA ALA A 248 48.44 3.21 5.68
C ALA A 248 47.06 3.87 5.63
N ALA A 249 46.86 4.81 4.70
CA ALA A 249 45.53 5.39 4.52
C ALA A 249 44.51 4.32 4.13
N GLN A 250 44.90 3.42 3.23
CA GLN A 250 44.03 2.32 2.82
C GLN A 250 43.66 1.42 4.00
N VAL A 251 44.67 1.02 4.78
CA VAL A 251 44.42 0.13 5.92
C VAL A 251 43.53 0.82 6.95
N SER A 252 43.79 2.09 7.25
CA SER A 252 42.98 2.80 8.22
C SER A 252 41.57 3.06 7.70
N ILE A 253 41.40 3.20 6.38
CA ILE A 253 40.06 3.35 5.81
C ILE A 253 39.25 2.08 6.03
N VAL A 254 39.84 0.93 5.70
CA VAL A 254 39.14 -0.33 5.93
C VAL A 254 38.88 -0.54 7.42
N GLN A 255 39.81 -0.09 8.27
CA GLN A 255 39.62 -0.20 9.71
C GLN A 255 38.44 0.63 10.19
N ASN A 256 38.32 1.87 9.68
CA ASN A 256 37.18 2.71 9.99
C ASN A 256 35.88 2.04 9.55
N LEU A 257 35.86 1.51 8.33
CA LEU A 257 34.66 0.83 7.84
C LEU A 257 34.28 -0.36 8.72
N THR A 258 35.28 -1.10 9.20
CA THR A 258 35.01 -2.31 9.97
C THR A 258 34.81 -2.06 11.46
N TYR A 259 35.05 -0.85 11.95
CA TYR A 259 34.88 -0.56 13.37
C TYR A 259 33.93 0.59 13.68
N PHE A 260 33.49 1.37 12.69
CA PHE A 260 32.59 2.48 12.94
C PHE A 260 31.45 2.47 11.91
N GLU A 261 30.25 2.82 12.37
CA GLU A 261 29.10 2.91 11.49
C GLU A 261 28.91 4.30 10.89
N HIS A 262 29.61 5.32 11.39
CA HIS A 262 29.40 6.68 10.93
C HIS A 262 30.40 7.13 9.89
N LEU A 263 31.44 6.33 9.62
CA LEU A 263 32.44 6.71 8.63
C LEU A 263 32.19 6.07 7.28
N SER A 264 31.10 5.31 7.13
CA SER A 264 30.79 4.65 5.87
C SER A 264 30.70 5.64 4.72
N GLU A 265 29.84 6.65 4.88
CA GLU A 265 29.66 7.62 3.80
C GLU A 265 30.87 8.54 3.64
N PRO A 266 31.36 9.23 4.68
CA PRO A 266 32.43 10.21 4.45
C PRO A 266 33.70 9.62 3.85
N MSE A 267 34.03 8.37 4.18
CA MSE A 267 35.18 7.73 3.55
C MSE A 267 35.00 7.69 2.04
O MSE A 267 35.90 8.06 1.29
CB MSE A 267 35.39 6.31 4.09
CG MSE A 267 35.94 6.24 5.51
SE MSE A 267 37.66 7.13 5.79
CE MSE A 267 37.03 8.85 6.46
N ALA A 268 33.81 7.28 1.59
CA ALA A 268 33.49 7.34 0.17
C ALA A 268 33.59 8.76 -0.36
N GLU A 269 33.23 9.75 0.46
CA GLU A 269 33.46 11.12 0.08
C GLU A 269 34.95 11.42 -0.04
N PHE A 270 35.75 10.95 0.92
CA PHE A 270 37.18 11.24 0.94
C PHE A 270 37.86 10.68 -0.31
N LEU A 271 37.68 9.38 -0.56
CA LEU A 271 38.19 8.79 -1.80
C LEU A 271 37.72 9.55 -3.04
N HIS A 272 36.55 10.20 -2.97
CA HIS A 272 36.06 10.92 -4.13
C HIS A 272 36.83 12.21 -4.36
N ILE A 273 37.22 12.88 -3.27
CA ILE A 273 38.08 14.06 -3.42
C ILE A 273 39.39 13.66 -4.08
N LEU A 274 40.04 12.64 -3.51
CA LEU A 274 41.36 12.18 -3.96
C LEU A 274 41.40 11.97 -5.47
N ALA A 275 40.40 11.29 -6.02
CA ALA A 275 40.41 10.99 -7.45
C ALA A 275 40.14 12.22 -8.30
N GLU A 276 39.31 13.14 -7.83
CA GLU A 276 38.93 14.31 -8.63
C GLU A 276 39.80 15.52 -8.31
N GLN A 277 39.79 15.95 -7.04
CA GLN A 277 40.47 17.17 -6.65
C GLN A 277 41.97 16.97 -6.47
N TYR A 278 42.41 15.72 -6.29
CA TYR A 278 43.81 15.42 -6.06
C TYR A 278 44.39 14.45 -7.08
N ASP A 279 43.54 13.81 -7.90
CA ASP A 279 43.97 12.89 -8.96
C ASP A 279 44.84 11.77 -8.41
N TYR A 280 44.24 10.94 -7.55
CA TYR A 280 44.89 9.75 -7.00
C TYR A 280 43.84 8.64 -6.90
N PRO A 281 43.48 8.04 -8.04
CA PRO A 281 42.43 7.00 -8.03
C PRO A 281 42.91 5.63 -7.59
N GLN A 282 44.21 5.46 -7.33
CA GLN A 282 44.74 4.15 -6.94
C GLN A 282 44.16 3.68 -5.61
N LEU A 283 43.86 4.64 -4.72
CA LEU A 283 43.43 4.27 -3.37
C LEU A 283 42.06 3.61 -3.37
N ALA A 284 41.12 4.12 -4.16
CA ALA A 284 39.79 3.50 -4.20
C ALA A 284 39.88 2.10 -4.78
N ASP A 285 40.70 1.92 -5.82
CA ASP A 285 40.87 0.59 -6.40
C ASP A 285 41.43 -0.39 -5.39
N GLU A 286 42.48 0.00 -4.67
CA GLU A 286 43.06 -0.96 -3.71
C GLU A 286 42.16 -1.16 -2.50
N VAL A 287 41.39 -0.15 -2.09
CA VAL A 287 40.48 -0.30 -0.97
C VAL A 287 39.38 -1.29 -1.32
N LEU A 288 38.78 -1.14 -2.52
CA LEU A 288 37.77 -2.09 -2.96
C LEU A 288 38.36 -3.46 -3.19
N ARG A 289 39.64 -3.53 -3.57
CA ARG A 289 40.30 -4.82 -3.68
C ARG A 289 40.41 -5.51 -2.33
N GLU A 290 40.75 -4.74 -1.29
CA GLU A 290 40.82 -5.31 0.06
C GLU A 290 39.44 -5.72 0.54
N LEU A 291 38.41 -4.93 0.23
CA LEU A 291 37.06 -5.24 0.71
C LEU A 291 36.47 -6.45 0.00
N SER A 292 36.86 -6.69 -1.26
CA SER A 292 36.38 -7.87 -1.96
C SER A 292 36.96 -9.16 -1.41
N ASN A 293 37.99 -9.07 -0.56
CA ASN A 293 38.57 -10.23 0.11
C ASN A 293 38.11 -10.38 1.54
N LYS A 294 37.69 -9.28 2.17
CA LYS A 294 37.17 -9.32 3.54
C LYS A 294 35.96 -10.24 3.61
N GLU A 295 36.01 -11.21 4.52
CA GLU A 295 34.97 -12.23 4.62
C GLU A 295 33.93 -11.80 5.66
N PHE A 296 32.67 -11.73 5.24
CA PHE A 296 31.58 -11.30 6.10
C PHE A 296 30.60 -12.45 6.33
N ASN A 297 29.77 -12.29 7.36
CA ASN A 297 28.72 -13.25 7.67
C ASN A 297 27.60 -12.51 8.39
N SER A 298 26.50 -13.24 8.63
CA SER A 298 25.33 -12.61 9.23
C SER A 298 25.54 -12.35 10.72
N ASN A 299 26.33 -13.18 11.40
CA ASN A 299 26.60 -12.98 12.81
C ASN A 299 27.70 -11.95 13.07
N ASP A 300 28.26 -11.35 12.02
CA ASP A 300 29.14 -10.21 12.18
C ASP A 300 28.31 -8.97 12.49
N THR A 301 28.72 -8.22 13.51
CA THR A 301 27.90 -7.12 14.03
C THR A 301 28.27 -5.80 13.33
N LYS A 302 27.33 -5.30 12.53
CA LYS A 302 27.33 -3.95 11.94
C LYS A 302 28.55 -3.67 11.06
N GLY A 303 29.38 -4.68 10.78
CA GLY A 303 30.49 -4.51 9.87
C GLY A 303 30.05 -4.48 8.42
N PRO A 304 29.37 -5.55 7.97
CA PRO A 304 28.83 -5.53 6.60
C PRO A 304 27.88 -4.38 6.33
N LYS A 305 27.10 -3.95 7.32
CA LYS A 305 26.20 -2.81 7.11
C LYS A 305 26.99 -1.57 6.70
N SER A 306 28.02 -1.24 7.47
CA SER A 306 28.85 -0.07 7.19
C SER A 306 29.59 -0.21 5.86
N VAL A 307 30.17 -1.39 5.61
CA VAL A 307 30.91 -1.61 4.37
C VAL A 307 29.99 -1.45 3.16
N SER A 308 28.76 -1.97 3.27
CA SER A 308 27.79 -1.88 2.19
C SER A 308 27.37 -0.44 1.93
N ALA A 309 27.12 0.31 3.01
CA ALA A 309 26.81 1.73 2.84
C ALA A 309 27.95 2.44 2.11
N PHE A 310 29.19 2.12 2.50
CA PHE A 310 30.36 2.72 1.85
C PHE A 310 30.34 2.45 0.34
N MSE A 311 30.18 1.20 -0.05
CA MSE A 311 30.20 0.86 -1.48
C MSE A 311 29.07 1.54 -2.27
O MSE A 311 29.30 2.02 -3.39
CB MSE A 311 30.13 -0.65 -1.71
CG MSE A 311 31.42 -1.40 -1.41
SE MSE A 311 31.19 -3.32 -1.60
CE MSE A 311 30.10 -3.64 -0.02
N ILE A 312 27.86 1.56 -1.70
CA ILE A 312 26.74 2.18 -2.40
C ILE A 312 27.01 3.67 -2.63
N ARG A 313 27.41 4.38 -1.57
CA ARG A 313 27.68 5.80 -1.72
C ARG A 313 28.82 6.06 -2.69
N LEU A 314 29.84 5.20 -2.67
CA LEU A 314 30.96 5.35 -3.61
C LEU A 314 30.47 5.21 -5.05
N SER A 315 29.63 4.21 -5.31
CA SER A 315 29.09 4.04 -6.65
C SER A 315 28.27 5.24 -7.07
N GLU A 316 27.62 5.91 -6.11
CA GLU A 316 26.85 7.09 -6.48
C GLU A 316 27.75 8.30 -6.77
N LEU A 317 28.85 8.45 -6.02
CA LEU A 317 29.71 9.60 -6.25
C LEU A 317 30.60 9.42 -7.48
N ALA A 318 31.27 8.29 -7.60
CA ALA A 318 32.23 8.06 -8.68
C ALA A 318 32.15 6.62 -9.15
N PRO A 319 31.24 6.33 -10.08
CA PRO A 319 31.19 4.97 -10.65
C PRO A 319 32.40 4.64 -11.51
N ARG A 320 33.15 5.64 -11.97
CA ARG A 320 34.37 5.39 -12.72
C ARG A 320 35.38 4.61 -11.88
N LEU A 321 35.36 4.83 -10.56
CA LEU A 321 36.28 4.11 -9.68
C LEU A 321 35.79 2.69 -9.41
N VAL A 322 34.48 2.53 -9.23
CA VAL A 322 33.93 1.23 -8.87
C VAL A 322 33.89 0.29 -10.07
N ILE A 323 33.67 0.83 -11.28
CA ILE A 323 33.53 -0.01 -12.45
C ILE A 323 34.79 -0.81 -12.74
N LYS A 324 35.94 -0.40 -12.17
CA LYS A 324 37.20 -1.08 -12.44
C LYS A 324 37.29 -2.40 -11.68
N GLN A 325 37.06 -2.36 -10.36
CA GLN A 325 37.16 -3.55 -9.53
C GLN A 325 35.91 -4.42 -9.56
N VAL A 326 34.99 -4.17 -10.49
CA VAL A 326 33.76 -4.95 -10.58
C VAL A 326 34.07 -6.44 -10.59
N THR A 327 35.03 -6.85 -11.43
CA THR A 327 35.41 -8.25 -11.53
C THR A 327 35.72 -8.86 -10.16
N LEU A 328 36.44 -8.12 -9.31
CA LEU A 328 36.70 -8.62 -7.96
C LEU A 328 35.44 -8.58 -7.10
N LEU A 329 34.70 -7.47 -7.18
CA LEU A 329 33.61 -7.24 -6.23
C LEU A 329 32.56 -8.35 -6.29
N ALA A 330 32.39 -8.96 -7.47
CA ALA A 330 31.40 -10.01 -7.64
C ALA A 330 31.60 -11.18 -6.70
N LYS A 331 32.83 -11.36 -6.18
CA LYS A 331 33.04 -12.42 -5.19
C LYS A 331 32.08 -12.28 -4.02
N GLN A 332 31.89 -11.04 -3.55
CA GLN A 332 31.00 -10.82 -2.42
C GLN A 332 29.55 -11.14 -2.71
N LEU A 333 29.18 -11.45 -3.96
CA LEU A 333 27.85 -11.96 -4.22
C LEU A 333 27.62 -13.31 -3.55
N ASP A 334 28.68 -13.97 -3.09
CA ASP A 334 28.58 -15.24 -2.40
C ASP A 334 28.62 -15.09 -0.89
N SER A 335 28.60 -13.85 -0.39
CA SER A 335 28.77 -13.61 1.03
C SER A 335 27.60 -14.18 1.83
N GLU A 336 27.90 -14.71 3.02
CA GLU A 336 26.87 -15.30 3.86
C GLU A 336 25.86 -14.27 4.34
N SER A 337 26.25 -13.00 4.42
CA SER A 337 25.36 -11.95 4.87
C SER A 337 24.59 -11.36 3.69
N TYR A 338 23.25 -11.36 3.80
CA TYR A 338 22.42 -10.75 2.77
C TYR A 338 22.61 -9.23 2.71
N THR A 339 23.06 -8.63 3.81
CA THR A 339 23.27 -7.18 3.83
C THR A 339 24.32 -6.75 2.80
N LEU A 340 25.27 -7.62 2.50
CA LEU A 340 26.30 -7.31 1.51
C LEU A 340 25.87 -7.72 0.10
N ARG A 341 25.13 -8.83 -0.01
CA ARG A 341 24.61 -9.23 -1.32
C ARG A 341 23.65 -8.18 -1.86
N CYS A 342 22.84 -7.59 -0.99
CA CYS A 342 21.94 -6.51 -1.40
C CYS A 342 22.71 -5.32 -1.93
N ALA A 343 23.73 -4.88 -1.19
CA ALA A 343 24.53 -3.74 -1.64
C ALA A 343 25.22 -4.03 -2.95
N LEU A 344 25.70 -5.27 -3.15
CA LEU A 344 26.34 -5.62 -4.41
C LEU A 344 25.34 -5.63 -5.56
N ILE A 345 24.11 -6.10 -5.31
CA ILE A 345 23.06 -6.01 -6.32
C ILE A 345 22.83 -4.56 -6.72
N GLU A 346 22.71 -3.68 -5.72
CA GLU A 346 22.40 -2.28 -6.01
C GLU A 346 23.58 -1.59 -6.69
N VAL A 347 24.80 -1.91 -6.28
CA VAL A 347 26.00 -1.32 -6.89
C VAL A 347 26.14 -1.80 -8.33
N PHE A 348 25.77 -3.05 -8.60
CA PHE A 348 25.77 -3.55 -9.96
C PHE A 348 24.73 -2.83 -10.81
N GLY A 349 23.57 -2.54 -10.22
CA GLY A 349 22.58 -1.74 -10.93
C GLY A 349 23.07 -0.34 -11.24
N ASN A 350 23.75 0.29 -10.28
CA ASN A 350 24.31 1.60 -10.50
C ASN A 350 25.38 1.57 -11.59
N MSE A 351 26.21 0.54 -11.59
CA MSE A 351 27.21 0.31 -12.64
C MSE A 351 26.56 0.17 -14.01
O MSE A 351 27.03 0.73 -14.99
CB MSE A 351 28.03 -0.94 -12.35
CG MSE A 351 29.08 -0.80 -11.26
SE MSE A 351 30.13 0.84 -11.40
CE MSE A 351 29.20 1.87 -10.03
N LEU A 352 25.48 -0.62 -14.05
CA LEU A 352 24.76 -0.85 -15.29
C LEU A 352 24.21 0.46 -15.85
N ALA A 353 23.64 1.30 -14.97
CA ALA A 353 23.15 2.61 -15.42
C ALA A 353 24.29 3.48 -15.93
N TYR A 354 25.39 3.54 -15.17
CA TYR A 354 26.53 4.37 -15.56
C TYR A 354 27.08 3.93 -16.91
N LEU A 355 27.14 2.62 -17.15
CA LEU A 355 27.63 2.13 -18.44
C LEU A 355 26.60 2.38 -19.55
N SER A 356 25.31 2.37 -19.20
CA SER A 356 24.29 2.69 -20.19
C SER A 356 24.43 4.14 -20.65
N LYS A 357 24.75 5.05 -19.73
CA LYS A 357 24.83 6.46 -20.10
C LYS A 357 25.95 6.73 -21.11
N SER A 358 26.99 5.89 -21.12
CA SER A 358 27.95 5.91 -22.21
C SER A 358 27.42 5.04 -23.33
N GLU A 359 27.53 5.54 -24.57
CA GLU A 359 27.06 4.80 -25.74
C GLU A 359 28.17 4.71 -26.78
N GLU A 360 28.98 3.66 -26.65
CA GLU A 360 29.99 3.28 -27.64
C GLU A 360 29.59 2.05 -28.42
N ARG A 361 28.90 1.10 -27.78
CA ARG A 361 28.37 -0.10 -28.42
C ARG A 361 29.46 -0.93 -29.08
N GLY A 362 30.60 -1.08 -28.38
CA GLY A 362 31.62 -2.02 -28.78
C GLY A 362 31.25 -3.43 -28.36
N GLU A 363 32.22 -4.33 -28.51
CA GLU A 363 31.96 -5.72 -28.18
C GLU A 363 32.25 -6.02 -26.71
N ASN A 364 33.42 -5.57 -26.22
CA ASN A 364 33.72 -5.68 -24.80
C ASN A 364 32.67 -4.94 -23.97
N HIS A 365 32.22 -3.80 -24.47
CA HIS A 365 31.15 -3.03 -23.82
C HIS A 365 29.89 -3.87 -23.64
N LYS A 366 29.41 -4.47 -24.74
CA LYS A 366 28.20 -5.28 -24.70
C LYS A 366 28.36 -6.48 -23.79
N SER A 367 29.53 -7.13 -23.84
CA SER A 367 29.74 -8.30 -22.97
C SER A 367 29.74 -7.91 -21.50
N GLN A 368 30.36 -6.76 -21.17
CA GLN A 368 30.34 -6.27 -19.80
C GLN A 368 28.91 -6.06 -19.31
N MSE A 369 28.11 -5.35 -20.10
CA MSE A 369 26.74 -5.05 -19.68
C MSE A 369 25.89 -6.32 -19.58
O MSE A 369 25.03 -6.44 -18.71
CB MSE A 369 26.09 -4.04 -20.63
CG MSE A 369 26.78 -2.69 -20.65
SE MSE A 369 25.67 -1.29 -21.42
CE MSE A 369 24.44 -1.05 -19.92
N ASN A 370 26.16 -7.29 -20.47
CA ASN A 370 25.47 -8.58 -20.39
C ASN A 370 25.82 -9.31 -19.11
N ALA A 371 27.08 -9.25 -18.69
CA ALA A 371 27.45 -9.86 -17.41
C ALA A 371 26.66 -9.23 -16.27
N PHE A 372 26.58 -7.90 -16.24
CA PHE A 372 25.79 -7.24 -15.19
C PHE A 372 24.34 -7.73 -15.21
N PHE A 373 23.73 -7.72 -16.40
CA PHE A 373 22.33 -8.11 -16.51
C PHE A 373 22.11 -9.55 -16.07
N ASP A 374 23.08 -10.44 -16.35
CA ASP A 374 22.96 -11.83 -15.90
C ASP A 374 23.01 -11.92 -14.38
N VAL A 375 23.90 -11.14 -13.75
CA VAL A 375 23.92 -11.09 -12.29
C VAL A 375 22.53 -10.74 -11.75
N LEU A 376 21.93 -9.68 -12.29
CA LEU A 376 20.62 -9.26 -11.80
C LEU A 376 19.56 -10.33 -12.05
N GLU A 377 19.44 -10.82 -13.28
CA GLU A 377 18.46 -11.85 -13.58
C GLU A 377 18.65 -13.09 -12.71
N GLU A 378 19.89 -13.36 -12.29
CA GLU A 378 20.13 -14.44 -11.35
C GLU A 378 19.50 -14.15 -10.00
N ARG A 379 19.75 -12.96 -9.46
CA ARG A 379 19.31 -12.71 -8.09
C ARG A 379 17.79 -12.65 -7.91
N PHE A 380 16.99 -12.90 -8.94
CA PHE A 380 15.56 -13.10 -8.73
C PHE A 380 15.27 -14.33 -7.89
N LEU A 381 16.27 -15.20 -7.67
CA LEU A 381 16.17 -16.43 -6.89
C LEU A 381 17.25 -16.44 -5.83
N ASP A 382 17.44 -15.31 -5.14
CA ASP A 382 18.48 -15.18 -4.14
C ASP A 382 17.77 -15.46 -2.81
N ILE A 383 18.14 -16.57 -2.19
CA ILE A 383 17.33 -17.31 -1.22
C ILE A 383 16.64 -16.38 -0.24
N ASN A 384 17.24 -15.20 0.03
CA ASN A 384 16.76 -14.16 0.96
C ASN A 384 15.80 -13.19 0.26
N PRO A 385 14.64 -12.87 0.86
CA PRO A 385 13.69 -11.98 0.16
C PRO A 385 14.18 -10.55 -0.03
N TYR A 386 14.94 -10.01 0.93
CA TYR A 386 15.42 -8.64 0.80
C TYR A 386 16.22 -8.45 -0.49
N CYS A 387 17.00 -9.46 -0.87
CA CYS A 387 17.84 -9.35 -2.06
C CYS A 387 17.03 -9.45 -3.33
N ARG A 388 16.06 -10.38 -3.39
CA ARG A 388 15.14 -10.43 -4.52
C ARG A 388 14.42 -9.09 -4.69
N CYS A 389 14.01 -8.50 -3.57
CA CYS A 389 13.38 -7.18 -3.59
C CYS A 389 14.33 -6.13 -4.16
N ARG A 390 15.60 -6.16 -3.74
CA ARG A 390 16.55 -5.18 -4.25
C ARG A 390 16.80 -5.37 -5.74
N THR A 391 16.73 -6.61 -6.23
CA THR A 391 16.85 -6.83 -7.67
C THR A 391 15.68 -6.22 -8.43
N ILE A 392 14.46 -6.49 -7.95
CA ILE A 392 13.30 -5.92 -8.62
C ILE A 392 13.35 -4.39 -8.57
N GLN A 393 13.81 -3.83 -7.45
CA GLN A 393 13.91 -2.38 -7.30
C GLN A 393 14.98 -1.81 -8.22
N VAL A 394 16.09 -2.53 -8.38
CA VAL A 394 17.11 -2.14 -9.35
C VAL A 394 16.50 -2.06 -10.75
N TYR A 395 15.65 -3.03 -11.09
CA TYR A 395 15.02 -3.00 -12.41
C TYR A 395 14.03 -1.84 -12.54
N ILE A 396 13.26 -1.56 -11.48
CA ILE A 396 12.32 -0.45 -11.59
C ILE A 396 13.07 0.87 -11.71
N LYS A 397 14.30 0.93 -11.18
CA LYS A 397 15.14 2.11 -11.46
C LYS A 397 15.65 2.08 -12.89
N LEU A 398 16.07 0.91 -13.37
CA LEU A 398 16.64 0.79 -14.71
C LEU A 398 15.63 1.20 -15.78
N CYS A 399 14.33 1.05 -15.49
CA CYS A 399 13.32 1.34 -16.51
C CYS A 399 13.27 2.82 -16.91
N GLU A 400 13.81 3.73 -16.10
CA GLU A 400 13.79 5.15 -16.42
C GLU A 400 15.00 5.62 -17.22
N LEU A 401 15.86 4.71 -17.66
CA LEU A 401 17.05 5.09 -18.41
C LEU A 401 16.71 5.48 -19.83
N ASP A 402 17.63 6.20 -20.47
CA ASP A 402 17.47 6.55 -21.88
C ASP A 402 17.62 5.32 -22.77
N GLN A 403 18.60 4.46 -22.46
CA GLN A 403 18.68 3.15 -23.09
C GLN A 403 17.49 2.31 -22.66
N LYS A 404 17.03 1.45 -23.56
CA LYS A 404 15.83 0.67 -23.30
C LYS A 404 16.08 -0.79 -22.98
N PHE A 405 17.05 -1.42 -23.64
CA PHE A 405 17.29 -2.87 -23.50
C PHE A 405 15.98 -3.65 -23.67
N PRO A 406 15.33 -3.60 -24.83
CA PRO A 406 14.04 -4.31 -24.98
C PRO A 406 14.10 -5.79 -24.61
N LYS A 407 15.17 -6.47 -25.03
CA LYS A 407 15.33 -7.87 -24.70
C LYS A 407 15.45 -8.09 -23.19
N ARG A 408 16.18 -7.21 -22.50
CA ARG A 408 16.38 -7.39 -21.07
C ARG A 408 15.13 -7.01 -20.31
N ARG A 409 14.40 -5.98 -20.76
CA ARG A 409 13.09 -5.71 -20.19
C ARG A 409 12.16 -6.89 -20.39
N GLN A 410 12.28 -7.59 -21.52
CA GLN A 410 11.42 -8.74 -21.78
C GLN A 410 11.70 -9.86 -20.78
N ARG A 411 12.98 -10.19 -20.59
CA ARG A 411 13.31 -11.21 -19.60
C ARG A 411 12.93 -10.76 -18.18
N ALA A 412 13.11 -9.46 -17.89
CA ALA A 412 12.74 -8.94 -16.57
C ALA A 412 11.24 -9.05 -16.35
N ALA A 413 10.44 -8.81 -17.40
CA ALA A 413 9.00 -8.98 -17.27
C ALA A 413 8.63 -10.45 -17.10
N GLU A 414 9.33 -11.34 -17.81
CA GLU A 414 9.09 -12.77 -17.66
C GLU A 414 9.37 -13.21 -16.24
N LEU A 415 10.37 -12.60 -15.60
CA LEU A 415 10.73 -13.00 -14.23
C LEU A 415 9.83 -12.32 -13.19
N ALA A 416 9.44 -11.06 -13.43
CA ALA A 416 8.55 -10.36 -12.51
C ALA A 416 7.14 -10.97 -12.53
N CYS A 417 6.71 -11.48 -13.69
CA CYS A 417 5.45 -12.20 -13.75
C CYS A 417 5.50 -13.47 -12.91
N ARG A 418 6.68 -14.12 -12.86
CA ARG A 418 6.83 -15.33 -12.07
C ARG A 418 6.91 -15.02 -10.58
N SER A 419 7.57 -13.91 -10.21
CA SER A 419 7.69 -13.52 -8.81
C SER A 419 6.38 -13.05 -8.21
N LEU A 420 5.31 -12.98 -8.99
CA LEU A 420 3.98 -12.72 -8.45
C LEU A 420 3.54 -13.79 -7.47
N MSE A 421 4.11 -14.99 -7.55
CA MSE A 421 3.73 -16.10 -6.68
C MSE A 421 4.76 -16.38 -5.58
O MSE A 421 4.62 -17.34 -4.83
CB MSE A 421 3.52 -17.37 -7.52
CG MSE A 421 2.22 -17.39 -8.31
SE MSE A 421 0.66 -16.87 -7.24
CE MSE A 421 0.03 -18.65 -6.74
N ASP A 422 5.78 -15.53 -5.52
CA ASP A 422 6.85 -15.66 -4.53
C ASP A 422 6.26 -15.66 -3.13
N LYS A 423 6.97 -16.28 -2.18
CA LYS A 423 6.47 -16.32 -0.80
C LYS A 423 6.44 -14.92 -0.19
N SER A 424 7.48 -14.13 -0.44
CA SER A 424 7.60 -12.84 0.21
C SER A 424 6.52 -11.87 -0.29
N SER A 425 5.75 -11.33 0.65
CA SER A 425 4.78 -10.29 0.32
C SER A 425 5.49 -9.08 -0.26
N HIS A 426 6.69 -8.78 0.25
CA HIS A 426 7.46 -7.63 -0.22
C HIS A 426 7.87 -7.83 -1.67
N VAL A 427 8.39 -9.02 -1.99
CA VAL A 427 8.77 -9.37 -3.36
C VAL A 427 7.56 -9.25 -4.29
N ARG A 428 6.37 -9.64 -3.81
CA ARG A 428 5.17 -9.57 -4.63
C ARG A 428 4.77 -8.12 -4.91
N ARG A 429 4.77 -7.27 -3.86
CA ARG A 429 4.59 -5.83 -4.06
C ARG A 429 5.49 -5.33 -5.18
N ASN A 430 6.79 -5.63 -5.06
CA ASN A 430 7.75 -5.06 -6.00
C ASN A 430 7.60 -5.66 -7.39
N ALA A 431 7.22 -6.93 -7.50
CA ALA A 431 7.00 -7.53 -8.82
C ALA A 431 5.83 -6.86 -9.53
N ILE A 432 4.75 -6.58 -8.79
CA ILE A 432 3.64 -5.81 -9.37
C ILE A 432 4.12 -4.45 -9.86
N LYS A 433 4.87 -3.75 -8.99
CA LYS A 433 5.36 -2.42 -9.36
C LYS A 433 6.26 -2.48 -10.59
N LEU A 434 7.10 -3.52 -10.70
CA LEU A 434 8.01 -3.63 -11.82
C LEU A 434 7.26 -3.90 -13.12
N LEU A 435 6.23 -4.76 -13.09
CA LEU A 435 5.44 -4.97 -14.30
C LEU A 435 4.74 -3.68 -14.72
N ALA A 436 4.21 -2.93 -13.76
CA ALA A 436 3.58 -1.65 -14.10
C ALA A 436 4.59 -0.70 -14.73
N THR A 437 5.82 -0.65 -14.19
CA THR A 437 6.84 0.23 -14.73
C THR A 437 7.26 -0.20 -16.13
N LEU A 438 7.34 -1.52 -16.35
CA LEU A 438 7.66 -2.03 -17.68
C LEU A 438 6.56 -1.69 -18.68
N ILE A 439 5.32 -1.59 -18.22
CA ILE A 439 4.24 -1.14 -19.09
C ILE A 439 4.42 0.33 -19.44
N ARG A 440 4.48 1.19 -18.42
CA ARG A 440 4.42 2.62 -18.71
C ARG A 440 5.71 3.17 -19.32
N THR A 441 6.75 2.34 -19.53
CA THR A 441 7.97 2.79 -20.17
C THR A 441 8.41 1.83 -21.28
N HIS A 442 7.50 1.05 -21.83
CA HIS A 442 7.86 0.07 -22.84
C HIS A 442 8.39 0.75 -24.10
N PRO A 443 9.35 0.13 -24.80
CA PRO A 443 10.02 0.80 -25.91
C PRO A 443 9.26 0.80 -27.23
N PHE A 444 8.08 0.18 -27.30
CA PHE A 444 7.36 0.04 -28.56
C PHE A 444 6.39 1.21 -28.72
N THR A 445 6.95 2.36 -29.11
CA THR A 445 6.17 3.59 -29.18
C THR A 445 6.40 4.39 -30.46
N ALA A 446 7.55 4.19 -31.13
CA ALA A 446 7.90 5.03 -32.28
C ALA A 446 6.78 5.10 -33.30
N LEU A 447 6.38 3.94 -33.83
CA LEU A 447 5.33 3.86 -34.83
C LEU A 447 4.04 3.34 -34.20
N HIS A 448 2.94 4.07 -34.42
CA HIS A 448 1.63 3.82 -33.77
C HIS A 448 1.80 3.64 -32.26
N GLY A 449 2.13 4.76 -31.63
CA GLY A 449 2.70 4.74 -30.29
C GLY A 449 1.79 4.27 -29.16
N ALA A 450 2.40 3.54 -28.22
CA ALA A 450 2.06 3.47 -26.79
C ALA A 450 0.83 2.66 -26.40
N GLN A 451 0.05 2.18 -27.36
CA GLN A 451 -1.09 1.36 -27.00
C GLN A 451 -0.75 -0.11 -27.17
N LEU A 452 -1.10 -0.90 -26.16
CA LEU A 452 -0.68 -2.29 -26.09
C LEU A 452 -1.88 -3.23 -26.16
N ALA A 453 -2.84 -2.90 -27.01
CA ALA A 453 -3.94 -3.81 -27.30
C ALA A 453 -3.43 -4.91 -28.23
N ARG A 454 -3.64 -6.17 -27.83
CA ARG A 454 -3.06 -7.28 -28.58
C ARG A 454 -3.65 -7.38 -29.98
N LYS A 455 -4.94 -7.06 -30.15
CA LYS A 455 -5.56 -7.22 -31.47
C LYS A 455 -4.90 -6.29 -32.49
N ASP A 456 -4.54 -5.07 -32.08
CA ASP A 456 -3.93 -4.13 -33.01
C ASP A 456 -2.55 -4.62 -33.45
N TRP A 457 -1.72 -5.05 -32.50
CA TRP A 457 -0.37 -5.49 -32.84
C TRP A 457 -0.40 -6.80 -33.63
N GLN A 458 -1.37 -7.67 -33.32
CA GLN A 458 -1.59 -8.89 -34.09
C GLN A 458 -1.95 -8.55 -35.53
N GLU A 459 -2.83 -7.57 -35.71
CA GLU A 459 -3.18 -7.08 -37.05
C GLU A 459 -1.93 -6.58 -37.78
N ARG A 460 -1.11 -5.79 -37.10
CA ARG A 460 0.10 -5.25 -37.72
C ARG A 460 1.02 -6.38 -38.16
N LEU A 461 1.21 -7.40 -37.30
CA LEU A 461 2.05 -8.53 -37.64
C LEU A 461 1.53 -9.26 -38.87
N GLU A 462 0.23 -9.60 -38.87
CA GLU A 462 -0.33 -10.33 -40.01
C GLU A 462 -0.22 -9.51 -41.29
N ARG A 463 -0.37 -8.18 -41.18
CA ARG A 463 -0.27 -7.34 -42.36
C ARG A 463 1.14 -7.34 -42.93
N VAL A 464 2.15 -7.27 -42.08
CA VAL A 464 3.52 -7.31 -42.59
C VAL A 464 3.84 -8.69 -43.15
N GLU A 465 3.27 -9.75 -42.55
CA GLU A 465 3.50 -11.10 -43.08
C GLU A 465 2.90 -11.25 -44.48
N ALA A 466 1.69 -10.72 -44.69
CA ALA A 466 1.10 -10.77 -46.02
C ALA A 466 1.88 -9.89 -46.99
N GLU A 467 2.35 -8.73 -46.53
CA GLU A 467 3.14 -7.86 -47.38
C GLU A 467 4.45 -8.51 -47.80
N LEU A 468 4.99 -9.39 -46.95
CA LEU A 468 6.16 -10.17 -47.33
C LEU A 468 5.81 -11.32 -48.26
N ASN A 469 4.62 -11.92 -48.10
CA ASN A 469 4.16 -12.90 -49.08
C ASN A 469 4.09 -12.28 -50.46
N VAL A 470 3.69 -11.01 -50.55
CA VAL A 470 3.65 -10.31 -51.83
C VAL A 470 5.03 -10.28 -52.46
N LEU A 471 6.04 -9.90 -51.68
CA LEU A 471 7.40 -9.74 -52.21
C LEU A 471 8.10 -11.06 -52.48
N LYS A 472 7.55 -12.18 -52.03
CA LYS A 472 8.17 -13.49 -52.25
C LYS A 472 7.10 -14.56 -52.51
N GLU A 513 20.00 -4.35 -76.11
CA GLU A 513 18.75 -4.86 -75.54
C GLU A 513 18.98 -6.19 -74.85
N GLU A 514 20.09 -6.86 -75.17
CA GLU A 514 20.40 -8.12 -74.53
C GLU A 514 21.03 -7.91 -73.15
N LYS A 515 22.00 -7.00 -73.06
CA LYS A 515 22.61 -6.67 -71.78
C LYS A 515 21.92 -5.49 -71.11
N ILE A 516 21.19 -4.67 -71.87
CA ILE A 516 20.50 -3.54 -71.27
C ILE A 516 19.34 -4.02 -70.41
N GLU A 517 18.71 -5.12 -70.78
CA GLU A 517 17.62 -5.66 -69.97
C GLU A 517 18.16 -6.34 -68.71
N ALA A 518 19.37 -6.92 -68.79
CA ALA A 518 19.97 -7.53 -67.61
C ALA A 518 20.26 -6.48 -66.53
N VAL A 519 20.62 -5.27 -66.94
CA VAL A 519 20.90 -4.21 -65.97
C VAL A 519 19.64 -3.85 -65.18
N ARG A 520 18.52 -3.67 -65.88
CA ARG A 520 17.28 -3.33 -65.19
C ARG A 520 16.78 -4.52 -64.38
N LYS A 521 17.01 -5.74 -64.84
CA LYS A 521 16.66 -6.91 -64.04
C LYS A 521 17.46 -6.94 -62.74
N ALA A 522 18.76 -6.66 -62.81
CA ALA A 522 19.58 -6.64 -61.60
C ALA A 522 19.14 -5.53 -60.65
N GLN A 523 18.82 -4.35 -61.21
CA GLN A 523 18.34 -3.26 -60.37
C GLN A 523 17.04 -3.63 -59.67
N GLU A 524 16.11 -4.25 -60.40
CA GLU A 524 14.82 -4.60 -59.82
C GLU A 524 14.91 -5.78 -58.86
N GLN A 525 15.99 -6.57 -58.94
CA GLN A 525 16.23 -7.60 -57.93
C GLN A 525 16.82 -7.01 -56.65
N ALA A 526 17.81 -6.12 -56.81
CA ALA A 526 18.38 -5.44 -55.65
C ALA A 526 17.32 -4.66 -54.90
N ALA A 527 16.40 -4.00 -55.62
CA ALA A 527 15.35 -3.24 -54.96
C ALA A 527 14.48 -4.15 -54.10
N THR A 528 14.12 -5.31 -54.64
CA THR A 528 13.26 -6.23 -53.88
C THR A 528 13.97 -6.74 -52.63
N SER A 529 15.24 -7.11 -52.75
CA SER A 529 15.95 -7.55 -51.54
C SER A 529 16.01 -6.43 -50.50
N GLU A 530 16.29 -5.20 -50.96
CA GLU A 530 16.40 -4.07 -50.04
C GLU A 530 15.07 -3.74 -49.39
N ALA A 531 13.96 -4.08 -50.04
CA ALA A 531 12.66 -3.85 -49.40
C ALA A 531 12.31 -4.98 -48.44
N ILE A 532 12.66 -6.22 -48.80
CA ILE A 532 12.39 -7.37 -47.96
C ILE A 532 13.09 -7.24 -46.62
N GLU A 533 14.33 -6.75 -46.62
CA GLU A 533 15.02 -6.61 -45.33
C GLU A 533 14.28 -5.63 -44.42
N LYS A 534 13.85 -4.48 -44.95
CA LYS A 534 13.14 -3.49 -44.14
C LYS A 534 11.84 -4.07 -43.58
N LEU A 535 11.10 -4.80 -44.41
CA LEU A 535 9.89 -5.47 -43.92
C LEU A 535 10.22 -6.46 -42.82
N THR A 536 11.36 -7.15 -42.93
CA THR A 536 11.76 -8.08 -41.88
C THR A 536 12.01 -7.35 -40.57
N LEU A 537 12.60 -6.16 -40.62
CA LEU A 537 12.82 -5.44 -39.37
C LEU A 537 11.51 -4.98 -38.75
N THR A 538 10.56 -4.53 -39.57
CA THR A 538 9.25 -4.19 -39.02
C THR A 538 8.57 -5.42 -38.40
N LYS A 539 8.71 -6.58 -39.06
CA LYS A 539 8.19 -7.84 -38.54
C LYS A 539 8.79 -8.16 -37.17
N ARG A 540 10.11 -7.98 -37.03
CA ARG A 540 10.76 -8.21 -35.74
C ARG A 540 10.22 -7.28 -34.67
N TYR A 541 10.04 -6.01 -35.03
CA TYR A 541 9.46 -5.04 -34.09
C TYR A 541 8.13 -5.55 -33.55
N TYR A 542 7.26 -6.02 -34.46
CA TYR A 542 5.94 -6.47 -34.02
C TYR A 542 6.03 -7.77 -33.19
N THR A 543 6.85 -8.73 -33.61
CA THR A 543 6.96 -9.97 -32.84
C THR A 543 7.43 -9.68 -31.42
N GLU A 544 8.39 -8.76 -31.27
CA GLU A 544 8.88 -8.42 -29.94
C GLU A 544 7.80 -7.72 -29.10
N ALA A 545 7.07 -6.79 -29.72
CA ALA A 545 5.97 -6.15 -29.03
C ALA A 545 4.96 -7.18 -28.52
N LEU A 546 4.58 -8.13 -29.38
CA LEU A 546 3.67 -9.18 -28.97
C LEU A 546 4.26 -10.04 -27.86
N LYS A 547 5.58 -10.25 -27.91
CA LYS A 547 6.28 -10.98 -26.86
C LYS A 547 6.02 -10.35 -25.50
N PHE A 548 6.05 -9.02 -25.45
CA PHE A 548 5.81 -8.36 -24.16
C PHE A 548 4.32 -8.33 -23.80
N ILE A 549 3.46 -8.09 -24.80
CA ILE A 549 2.02 -8.06 -24.54
C ILE A 549 1.54 -9.40 -24.00
N ASP A 550 2.19 -10.50 -24.41
CA ASP A 550 1.76 -11.82 -23.97
C ASP A 550 2.21 -12.15 -22.54
N VAL A 551 3.32 -11.57 -22.07
CA VAL A 551 3.66 -11.78 -20.66
C VAL A 551 2.74 -10.92 -19.79
N LEU A 552 2.30 -9.77 -20.29
CA LEU A 552 1.25 -9.06 -19.56
C LEU A 552 -0.06 -9.85 -19.54
N HIS A 553 -0.36 -10.56 -20.62
CA HIS A 553 -1.54 -11.43 -20.66
C HIS A 553 -1.56 -12.44 -19.52
N GLU A 554 -0.39 -12.89 -19.10
CA GLU A 554 -0.29 -13.87 -18.03
C GLU A 554 -0.16 -13.23 -16.66
N ALA A 555 0.41 -12.03 -16.60
CA ALA A 555 0.52 -11.35 -15.31
C ALA A 555 -0.84 -10.87 -14.83
N THR A 556 -1.67 -10.34 -15.74
CA THR A 556 -2.89 -9.64 -15.33
C THR A 556 -3.84 -10.46 -14.45
N PRO A 557 -4.18 -11.72 -14.78
CA PRO A 557 -5.08 -12.47 -13.88
C PRO A 557 -4.53 -12.61 -12.46
N VAL A 558 -3.22 -12.78 -12.32
CA VAL A 558 -2.63 -12.96 -11.00
C VAL A 558 -2.72 -11.68 -10.19
N ILE A 559 -2.47 -10.53 -10.83
CA ILE A 559 -2.58 -9.25 -10.12
C ILE A 559 -4.04 -8.96 -9.77
N CYS A 560 -4.97 -9.30 -10.67
CA CYS A 560 -6.39 -9.19 -10.36
C CYS A 560 -6.75 -10.03 -9.14
N GLN A 561 -6.17 -11.23 -9.04
CA GLN A 561 -6.37 -12.05 -7.86
C GLN A 561 -5.75 -11.39 -6.63
N LEU A 562 -4.59 -10.75 -6.80
CA LEU A 562 -3.92 -10.11 -5.67
C LEU A 562 -4.68 -8.90 -5.15
N LEU A 563 -5.59 -8.35 -5.94
CA LEU A 563 -6.48 -7.31 -5.41
C LEU A 563 -7.20 -7.76 -4.15
N GLY A 564 -7.47 -9.06 -4.01
CA GLY A 564 -8.12 -9.59 -2.83
C GLY A 564 -7.19 -9.97 -1.69
N SER A 565 -5.88 -9.78 -1.86
CA SER A 565 -4.91 -10.23 -0.88
C SER A 565 -5.11 -9.52 0.46
N LYS A 566 -4.76 -10.24 1.54
CA LYS A 566 -4.88 -9.66 2.87
C LYS A 566 -3.95 -8.47 3.05
N ASN A 567 -2.72 -8.57 2.57
CA ASN A 567 -1.76 -7.48 2.69
C ASN A 567 -2.18 -6.35 1.76
N LYS A 568 -2.70 -5.26 2.33
CA LYS A 568 -3.17 -4.13 1.54
C LYS A 568 -2.04 -3.42 0.82
N SER A 569 -0.80 -3.62 1.28
CA SER A 569 0.37 -3.08 0.56
C SER A 569 0.43 -3.62 -0.86
N GLU A 570 0.13 -4.91 -1.04
CA GLU A 570 0.04 -5.46 -2.40
C GLU A 570 -1.18 -4.91 -3.13
N VAL A 571 -2.27 -4.67 -2.40
CA VAL A 571 -3.52 -4.25 -3.02
C VAL A 571 -3.36 -2.89 -3.67
N ILE A 572 -2.66 -1.97 -3.01
CA ILE A 572 -2.45 -0.64 -3.58
C ILE A 572 -1.66 -0.76 -4.89
N GLU A 573 -0.61 -1.58 -4.89
CA GLU A 573 0.21 -1.75 -6.10
C GLU A 573 -0.59 -2.39 -7.22
N ALA A 574 -1.49 -3.32 -6.89
CA ALA A 574 -2.35 -3.93 -7.90
C ALA A 574 -3.28 -2.90 -8.53
N MSE A 575 -3.88 -2.05 -7.70
CA MSE A 575 -4.72 -0.97 -8.18
C MSE A 575 -3.97 -0.07 -9.15
O MSE A 575 -4.48 0.29 -10.22
CB MSE A 575 -5.26 -0.13 -7.02
CG MSE A 575 -6.30 -0.82 -6.15
SE MSE A 575 -7.13 0.43 -4.91
CE MSE A 575 -6.26 -0.09 -3.25
N ASP A 576 -2.73 0.29 -8.78
CA ASP A 576 -1.94 1.14 -9.66
C ASP A 576 -1.57 0.43 -10.96
N TYR A 577 -1.28 -0.87 -10.89
CA TYR A 577 -1.05 -1.65 -12.10
C TYR A 577 -2.24 -1.54 -13.05
N PHE A 578 -3.46 -1.74 -12.53
CA PHE A 578 -4.61 -1.68 -13.41
C PHE A 578 -4.87 -0.28 -13.91
N GLU A 579 -4.58 0.75 -13.12
CA GLU A 579 -4.76 2.12 -13.59
C GLU A 579 -3.81 2.43 -14.74
N ILE A 580 -2.55 1.99 -14.66
CA ILE A 580 -1.61 2.20 -15.77
C ILE A 580 -2.05 1.39 -16.99
N GLY A 581 -2.40 0.12 -16.78
CA GLY A 581 -2.82 -0.73 -17.87
C GLY A 581 -4.02 -0.18 -18.61
N ASP A 582 -4.92 0.51 -17.91
CA ASP A 582 -6.03 1.18 -18.58
C ASP A 582 -5.52 2.20 -19.58
N ALA A 583 -4.64 3.10 -19.13
CA ALA A 583 -4.06 4.10 -20.03
C ALA A 583 -3.30 3.47 -21.18
N TYR A 584 -2.90 2.20 -21.05
CA TYR A 584 -2.29 1.49 -22.18
C TYR A 584 -3.18 0.41 -22.79
N ASN A 585 -4.38 0.17 -22.23
CA ASN A 585 -5.38 -0.71 -22.84
C ASN A 585 -4.87 -2.14 -23.01
N ILE A 586 -4.29 -2.69 -21.94
CA ILE A 586 -3.89 -4.09 -21.93
C ILE A 586 -5.13 -4.98 -21.98
N GLU A 587 -4.95 -6.20 -22.50
CA GLU A 587 -6.07 -7.01 -22.99
C GLU A 587 -7.15 -7.26 -21.94
N GLN A 588 -6.84 -8.04 -20.91
CA GLN A 588 -7.75 -8.12 -19.76
C GLN A 588 -7.43 -6.93 -18.87
N ASN A 589 -8.24 -5.90 -18.94
CA ASN A 589 -7.96 -4.75 -18.09
C ASN A 589 -9.18 -4.31 -17.29
N LYS A 590 -10.37 -4.36 -17.88
CA LYS A 590 -11.56 -3.89 -17.20
C LYS A 590 -12.04 -4.85 -16.12
N ILE A 591 -11.56 -6.10 -16.17
CA ILE A 591 -11.88 -7.04 -15.09
C ILE A 591 -11.33 -6.53 -13.76
N GLY A 592 -10.11 -5.99 -13.80
CA GLY A 592 -9.51 -5.49 -12.57
C GLY A 592 -10.17 -4.21 -12.08
N ILE A 593 -10.43 -3.27 -12.99
CA ILE A 593 -11.09 -2.02 -12.61
C ILE A 593 -12.48 -2.29 -12.05
N ARG A 594 -13.19 -3.27 -12.64
CA ARG A 594 -14.46 -3.69 -12.08
C ARG A 594 -14.28 -4.28 -10.69
N LYS A 595 -13.28 -5.16 -10.53
CA LYS A 595 -13.02 -5.80 -9.25
C LYS A 595 -12.59 -4.81 -8.17
N MSE A 596 -12.07 -3.65 -8.58
CA MSE A 596 -11.61 -2.64 -7.64
C MSE A 596 -12.78 -1.96 -6.92
O MSE A 596 -12.62 -1.49 -5.81
CB MSE A 596 -10.77 -1.58 -8.34
CG MSE A 596 -9.32 -1.94 -8.55
SE MSE A 596 -8.42 -0.65 -9.69
CE MSE A 596 -8.54 0.91 -8.53
N LEU A 597 -13.94 -1.93 -7.58
CA LEU A 597 -15.07 -1.20 -7.02
C LEU A 597 -15.53 -1.79 -5.70
N ARG A 598 -15.29 -3.07 -5.47
CA ARG A 598 -15.70 -3.70 -4.22
C ARG A 598 -14.85 -3.28 -3.03
N LEU A 599 -13.77 -2.50 -3.25
CA LEU A 599 -12.83 -2.22 -2.18
C LEU A 599 -13.22 -1.01 -1.33
N ILE A 600 -14.24 -0.23 -1.70
CA ILE A 600 -14.72 0.83 -0.81
C ILE A 600 -15.27 0.30 0.51
N TRP A 601 -15.54 -1.01 0.62
CA TRP A 601 -15.92 -1.59 1.90
C TRP A 601 -14.73 -2.06 2.75
N THR A 602 -13.60 -2.36 2.14
CA THR A 602 -12.43 -2.84 2.88
C THR A 602 -11.72 -1.69 3.57
N LYS A 603 -11.21 -1.96 4.77
CA LYS A 603 -10.52 -0.99 5.58
C LYS A 603 -9.08 -1.42 5.79
N GLY A 604 -8.19 -0.43 5.91
CA GLY A 604 -6.79 -0.68 6.17
C GLY A 604 -5.86 0.04 5.23
N SER A 605 -4.65 0.32 5.69
CA SER A 605 -3.63 1.00 4.90
C SER A 605 -2.49 0.04 4.57
N SER A 606 -1.63 0.48 3.66
CA SER A 606 -0.50 -0.32 3.22
C SER A 606 0.62 -0.23 4.25
N ASP A 607 1.76 -0.85 3.94
CA ASP A 607 2.97 -0.59 4.71
C ASP A 607 3.36 0.87 4.64
N GLU A 608 3.12 1.51 3.48
CA GLU A 608 3.19 2.94 3.33
C GLU A 608 1.92 3.57 3.90
N GLY A 609 1.89 4.91 3.90
CA GLY A 609 0.79 5.62 4.53
C GLY A 609 -0.56 5.40 3.85
N LYS A 610 -0.54 5.15 2.54
CA LYS A 610 -1.77 5.13 1.74
C LYS A 610 -2.75 4.06 2.22
N GLY A 611 -4.01 4.43 2.35
CA GLY A 611 -5.07 3.49 2.67
C GLY A 611 -5.82 3.04 1.42
N VAL A 612 -6.61 1.99 1.59
CA VAL A 612 -7.28 1.34 0.45
C VAL A 612 -8.45 2.17 -0.05
N GLN A 613 -9.40 2.46 0.83
CA GLN A 613 -10.63 3.16 0.45
C GLN A 613 -10.34 4.48 -0.26
N THR A 614 -9.49 5.30 0.37
CA THR A 614 -9.17 6.61 -0.19
C THR A 614 -8.41 6.48 -1.51
N HIS A 615 -7.51 5.50 -1.61
CA HIS A 615 -6.76 5.34 -2.85
C HIS A 615 -7.66 4.84 -3.98
N LEU A 616 -8.65 4.03 -3.68
CA LEU A 616 -9.62 3.63 -4.69
C LEU A 616 -10.45 4.83 -5.15
N ILE A 617 -10.81 5.71 -4.20
CA ILE A 617 -11.47 6.95 -4.59
C ILE A 617 -10.59 7.76 -5.54
N GLU A 618 -9.31 7.90 -5.20
CA GLU A 618 -8.38 8.63 -6.07
C GLU A 618 -8.32 8.00 -7.46
N CYS A 619 -8.15 6.67 -7.51
CA CYS A 619 -8.00 5.99 -8.78
C CYS A 619 -9.24 6.13 -9.64
N TYR A 620 -10.43 5.99 -9.05
CA TYR A 620 -11.64 6.10 -9.84
C TYR A 620 -11.89 7.54 -10.28
N LYS A 621 -11.53 8.52 -9.45
CA LYS A 621 -11.65 9.91 -9.88
C LYS A 621 -10.76 10.20 -11.07
N ARG A 622 -9.54 9.66 -11.06
CA ARG A 622 -8.66 9.85 -12.21
C ARG A 622 -9.18 9.09 -13.43
N LEU A 623 -9.74 7.89 -13.22
CA LEU A 623 -10.12 7.05 -14.35
C LEU A 623 -11.36 7.57 -15.05
N PHE A 624 -12.33 8.07 -14.30
CA PHE A 624 -13.61 8.39 -14.93
C PHE A 624 -14.09 9.81 -14.68
N PHE A 625 -13.85 10.35 -13.48
CA PHE A 625 -14.37 11.66 -13.12
C PHE A 625 -13.35 12.77 -13.33
N GLU A 626 -12.46 12.59 -14.30
CA GLU A 626 -11.48 13.60 -14.68
C GLU A 626 -11.47 13.70 -16.20
N ALA A 627 -11.66 14.90 -16.71
CA ALA A 627 -11.63 15.17 -18.13
C ALA A 627 -10.27 15.70 -18.55
N PRO A 628 -9.92 15.61 -19.83
CA PRO A 628 -8.64 16.17 -20.28
C PRO A 628 -8.56 17.66 -19.95
N ASP A 629 -7.36 18.09 -19.54
CA ASP A 629 -7.17 19.47 -19.11
C ASP A 629 -7.44 20.48 -20.23
N SER A 630 -7.50 20.01 -21.49
CA SER A 630 -7.83 20.90 -22.59
C SER A 630 -9.34 21.03 -22.79
N PHE A 631 -10.13 20.17 -22.18
CA PHE A 631 -11.59 20.24 -22.34
C PHE A 631 -12.15 21.46 -21.63
N SER A 632 -13.09 22.13 -22.28
CA SER A 632 -13.76 23.27 -21.68
C SER A 632 -14.68 22.79 -20.57
N PRO A 633 -14.98 23.65 -19.57
CA PRO A 633 -15.84 23.25 -18.44
C PRO A 633 -17.09 22.51 -18.87
N ASN A 634 -17.77 23.02 -19.90
CA ASN A 634 -18.98 22.38 -20.40
C ASN A 634 -18.68 20.99 -20.97
N ASP A 635 -17.71 20.90 -21.88
CA ASP A 635 -17.35 19.61 -22.46
C ASP A 635 -16.78 18.67 -21.41
N ALA A 636 -16.08 19.21 -20.41
CA ALA A 636 -15.57 18.37 -19.33
C ALA A 636 -16.71 17.76 -18.53
N ALA A 637 -17.74 18.57 -18.24
CA ALA A 637 -18.91 18.05 -17.54
C ALA A 637 -19.63 16.99 -18.37
N ASN A 638 -19.74 17.23 -19.69
CA ASN A 638 -20.32 16.21 -20.57
C ASN A 638 -19.55 14.90 -20.49
N TYR A 639 -18.22 14.98 -20.60
CA TYR A 639 -17.37 13.80 -20.54
C TYR A 639 -17.58 13.04 -19.23
N ILE A 640 -17.52 13.77 -18.10
CA ILE A 640 -17.63 13.12 -16.80
C ILE A 640 -19.00 12.48 -16.62
N ALA A 641 -20.07 13.18 -16.99
CA ALA A 641 -21.42 12.62 -16.82
C ALA A 641 -21.62 11.40 -17.71
N ARG A 642 -21.10 11.45 -18.94
CA ARG A 642 -21.16 10.28 -19.82
C ARG A 642 -20.46 9.09 -19.18
N ASN A 643 -19.29 9.31 -18.58
CA ASN A 643 -18.59 8.21 -17.92
C ASN A 643 -19.37 7.69 -16.71
N MSE A 644 -20.00 8.58 -15.96
CA MSE A 644 -20.78 8.16 -14.80
C MSE A 644 -21.94 7.27 -15.23
O MSE A 644 -22.22 6.24 -14.60
CB MSE A 644 -21.33 9.35 -14.01
CG MSE A 644 -20.26 10.30 -13.51
SE MSE A 644 -20.96 11.53 -12.16
CE MSE A 644 -21.21 10.27 -10.71
N ILE A 645 -22.62 7.66 -16.31
CA ILE A 645 -23.70 6.82 -16.84
C ILE A 645 -23.14 5.51 -17.39
N SER A 646 -21.93 5.53 -17.96
CA SER A 646 -21.34 4.30 -18.47
C SER A 646 -20.98 3.33 -17.36
N LEU A 647 -20.70 3.85 -16.15
CA LEU A 647 -20.36 2.98 -15.04
C LEU A 647 -21.55 2.17 -14.53
N THR A 648 -22.76 2.45 -14.98
CA THR A 648 -23.94 1.70 -14.55
C THR A 648 -24.64 1.04 -15.73
N PHE A 649 -23.87 0.41 -16.62
CA PHE A 649 -24.41 -0.24 -17.81
C PHE A 649 -24.50 -1.75 -17.64
N GLY A 650 -23.38 -2.41 -17.37
CA GLY A 650 -23.37 -3.84 -17.08
C GLY A 650 -23.38 -4.16 -15.61
N ALA A 651 -23.69 -3.19 -14.76
CA ALA A 651 -23.55 -3.35 -13.31
C ALA A 651 -24.47 -4.43 -12.77
N THR A 652 -23.90 -5.28 -11.91
CA THR A 652 -24.67 -6.24 -11.14
C THR A 652 -25.30 -5.54 -9.94
N PRO A 653 -26.31 -6.16 -9.31
CA PRO A 653 -26.93 -5.52 -8.13
C PRO A 653 -25.97 -5.30 -6.97
N ALA A 654 -24.85 -6.01 -6.91
CA ALA A 654 -23.84 -5.73 -5.88
C ALA A 654 -22.88 -4.63 -6.32
N GLU A 655 -22.47 -4.67 -7.59
CA GLU A 655 -21.65 -3.59 -8.13
C GLU A 655 -22.37 -2.26 -8.05
N LEU A 656 -23.71 -2.27 -8.22
CA LEU A 656 -24.49 -1.05 -8.09
C LEU A 656 -24.43 -0.50 -6.67
N THR A 657 -24.49 -1.39 -5.67
CA THR A 657 -24.38 -0.95 -4.28
C THR A 657 -23.02 -0.35 -3.99
N SER A 658 -21.95 -1.01 -4.47
CA SER A 658 -20.61 -0.47 -4.29
C SER A 658 -20.46 0.88 -4.99
N LEU A 659 -21.07 1.02 -6.17
CA LEU A 659 -21.07 2.30 -6.87
C LEU A 659 -21.80 3.37 -6.06
N GLU A 660 -22.91 3.00 -5.43
CA GLU A 660 -23.63 3.92 -4.57
C GLU A 660 -22.73 4.44 -3.46
N GLN A 661 -21.99 3.51 -2.82
CA GLN A 661 -21.04 3.92 -1.79
C GLN A 661 -19.98 4.85 -2.35
N LEU A 662 -19.41 4.52 -3.52
CA LEU A 662 -18.35 5.33 -4.10
C LEU A 662 -18.83 6.75 -4.39
N LEU A 663 -20.03 6.87 -4.97
CA LEU A 663 -20.56 8.19 -5.31
C LEU A 663 -20.94 8.97 -4.06
N HIS A 664 -21.44 8.28 -3.03
CA HIS A 664 -21.83 8.94 -1.79
C HIS A 664 -20.65 9.64 -1.14
N LEU A 665 -19.51 8.93 -1.01
CA LEU A 665 -18.33 9.54 -0.41
C LEU A 665 -17.77 10.65 -1.30
N MSE A 666 -17.79 10.45 -2.61
CA MSE A 666 -17.25 11.40 -3.57
C MSE A 666 -17.99 12.72 -3.49
O MSE A 666 -17.38 13.80 -3.53
CB MSE A 666 -17.34 10.82 -4.98
CG MSE A 666 -16.18 11.14 -5.88
SE MSE A 666 -15.87 9.69 -7.15
CE MSE A 666 -14.58 8.66 -6.12
N MSE A 667 -19.30 12.64 -3.37
CA MSE A 667 -20.16 13.81 -3.23
C MSE A 667 -19.90 14.48 -1.88
O MSE A 667 -19.82 15.71 -1.80
CB MSE A 667 -21.63 13.41 -3.36
CG MSE A 667 -22.58 14.58 -3.52
SE MSE A 667 -22.31 15.55 -5.18
CE MSE A 667 -21.36 17.11 -4.48
N LYS A 668 -19.79 13.67 -0.84
CA LYS A 668 -19.52 14.19 0.50
C LYS A 668 -18.21 14.95 0.54
N GLN A 669 -17.20 14.48 -0.18
CA GLN A 669 -15.92 15.16 -0.26
C GLN A 669 -15.91 16.31 -1.24
N GLY A 670 -17.02 16.53 -1.95
CA GLY A 670 -17.11 17.64 -2.88
C GLY A 670 -16.28 17.47 -4.14
N MSE A 671 -16.21 16.26 -4.68
CA MSE A 671 -15.39 16.00 -5.86
C MSE A 671 -16.20 16.12 -7.15
O MSE A 671 -15.65 16.40 -8.21
CB MSE A 671 -14.75 14.61 -5.77
CG MSE A 671 -13.86 14.42 -4.56
SE MSE A 671 -13.23 12.58 -4.36
CE MSE A 671 -11.55 12.71 -5.33
N ILE A 672 -17.51 15.90 -7.06
CA ILE A 672 -18.41 15.95 -8.20
C ILE A 672 -18.96 17.38 -8.30
N PRO A 673 -18.74 18.08 -9.39
CA PRO A 673 -19.20 19.48 -9.49
C PRO A 673 -20.67 19.57 -9.86
N ASP A 674 -21.22 20.77 -9.68
CA ASP A 674 -22.64 20.99 -9.94
C ASP A 674 -22.94 20.95 -11.43
N LEU A 675 -22.02 21.45 -12.27
CA LEU A 675 -22.19 21.41 -13.71
C LEU A 675 -22.39 19.97 -14.19
N VAL A 676 -21.66 19.02 -13.60
CA VAL A 676 -21.80 17.62 -13.96
C VAL A 676 -23.19 17.11 -13.60
N ILE A 677 -23.68 17.52 -12.42
CA ILE A 677 -25.02 17.13 -11.99
C ILE A 677 -26.07 17.70 -12.93
N ALA A 678 -25.85 18.93 -13.40
CA ALA A 678 -26.78 19.55 -14.33
C ALA A 678 -26.79 18.82 -15.67
N LYS A 679 -25.61 18.38 -16.12
CA LYS A 679 -25.57 17.61 -17.37
C LYS A 679 -26.24 16.25 -17.21
N LEU A 680 -26.12 15.64 -16.03
CA LEU A 680 -26.81 14.37 -15.78
C LEU A 680 -28.32 14.57 -15.77
N TRP A 681 -28.80 15.65 -15.12
CA TRP A 681 -30.21 16.01 -15.19
C TRP A 681 -30.64 16.28 -16.62
N GLN A 682 -29.72 16.82 -17.43
CA GLN A 682 -30.00 17.07 -18.84
C GLN A 682 -30.26 15.77 -19.58
N VAL A 683 -29.35 14.79 -19.42
CA VAL A 683 -29.49 13.52 -20.13
C VAL A 683 -30.83 12.87 -19.83
N TYR A 684 -31.20 12.83 -18.55
CA TYR A 684 -32.49 12.26 -18.15
C TYR A 684 -33.60 13.22 -18.55
N GLY A 685 -34.50 12.84 -19.42
CA GLY A 685 -35.55 13.78 -19.74
C GLY A 685 -35.28 14.74 -20.86
N VAL A 686 -34.65 14.23 -21.89
CA VAL A 686 -34.34 15.03 -23.03
C VAL A 686 -35.41 14.81 -24.08
N GLN A 687 -36.30 15.77 -24.26
CA GLN A 687 -37.33 15.62 -25.25
C GLN A 687 -36.61 15.65 -26.57
N ARG A 688 -37.08 14.87 -27.51
CA ARG A 688 -36.48 14.81 -28.83
C ARG A 688 -35.30 13.93 -28.67
N ARG A 689 -34.54 13.82 -29.74
CA ARG A 689 -33.34 13.04 -29.75
C ARG A 689 -33.62 11.59 -29.42
N GLU A 690 -32.59 10.79 -29.36
CA GLU A 690 -32.77 9.40 -29.06
C GLU A 690 -31.81 9.04 -27.97
N ILE A 691 -32.30 8.33 -26.97
CA ILE A 691 -31.50 7.95 -25.82
C ILE A 691 -31.45 6.46 -25.62
N SER A 692 -30.23 6.01 -25.43
CA SER A 692 -29.84 4.60 -25.35
C SER A 692 -30.79 3.79 -24.49
N LYS A 693 -31.57 4.47 -23.64
CA LYS A 693 -32.56 3.89 -22.73
C LYS A 693 -31.90 3.13 -21.58
N LYS A 694 -30.60 2.84 -21.71
CA LYS A 694 -29.76 2.55 -20.57
C LYS A 694 -29.08 3.81 -20.08
N GLN A 695 -28.95 4.80 -20.98
CA GLN A 695 -28.46 6.11 -20.61
C GLN A 695 -29.51 6.88 -19.81
N ARG A 696 -30.75 6.90 -20.31
CA ARG A 696 -31.82 7.59 -19.61
C ARG A 696 -32.10 6.96 -18.25
N ARG A 697 -31.95 5.64 -18.14
CA ARG A 697 -32.11 4.97 -16.86
C ARG A 697 -30.92 5.22 -15.95
N GLY A 698 -29.71 4.95 -16.44
CA GLY A 698 -28.51 5.12 -15.63
C GLY A 698 -28.32 6.54 -15.15
N ALA A 699 -28.86 7.51 -15.90
CA ALA A 699 -28.83 8.90 -15.45
C ALA A 699 -29.51 9.04 -14.10
N ILE A 700 -30.77 8.63 -14.00
CA ILE A 700 -31.50 8.79 -12.75
C ILE A 700 -30.97 7.83 -11.69
N ILE A 701 -30.41 6.69 -12.10
CA ILE A 701 -29.73 5.83 -11.12
C ILE A 701 -28.59 6.59 -10.46
N VAL A 702 -27.76 7.26 -11.27
CA VAL A 702 -26.62 7.99 -10.72
C VAL A 702 -27.09 9.18 -9.90
N LEU A 703 -28.13 9.87 -10.37
CA LEU A 703 -28.66 11.01 -9.63
C LEU A 703 -29.20 10.57 -8.27
N GLY A 704 -29.90 9.43 -8.23
CA GLY A 704 -30.39 8.92 -6.97
C GLY A 704 -29.29 8.48 -6.03
N MSE A 705 -28.18 8.00 -6.59
CA MSE A 705 -27.03 7.66 -5.75
C MSE A 705 -26.39 8.93 -5.18
O MSE A 705 -26.09 9.00 -3.98
CB MSE A 705 -25.99 6.86 -6.52
CG MSE A 705 -26.47 5.49 -6.96
SE MSE A 705 -25.07 4.40 -7.78
CE MSE A 705 -25.43 4.76 -9.66
N LEU A 706 -26.15 9.93 -6.03
CA LEU A 706 -25.59 11.19 -5.58
C LEU A 706 -26.46 11.84 -4.50
N ALA A 707 -27.79 11.74 -4.65
CA ALA A 707 -28.71 12.43 -3.75
C ALA A 707 -28.63 11.91 -2.33
N THR A 708 -28.10 10.69 -2.12
CA THR A 708 -27.99 10.18 -0.76
C THR A 708 -26.99 10.97 0.08
N ALA A 709 -26.07 11.69 -0.56
CA ALA A 709 -25.12 12.51 0.17
C ALA A 709 -25.57 13.97 0.28
N SER A 710 -26.46 14.41 -0.60
CA SER A 710 -27.02 15.76 -0.55
C SER A 710 -28.36 15.76 -1.28
N PRO A 711 -29.46 16.12 -0.61
CA PRO A 711 -30.78 16.02 -1.23
C PRO A 711 -31.15 17.22 -2.10
N GLU A 712 -30.42 18.34 -2.00
CA GLU A 712 -30.71 19.49 -2.86
C GLU A 712 -30.57 19.15 -4.34
N ILE A 713 -29.98 18.01 -4.68
CA ILE A 713 -29.92 17.57 -6.06
C ILE A 713 -31.33 17.25 -6.57
N VAL A 714 -32.15 16.62 -5.74
CA VAL A 714 -33.46 16.13 -6.17
C VAL A 714 -34.61 16.97 -5.63
N VAL A 715 -34.33 17.99 -4.80
CA VAL A 715 -35.43 18.82 -4.30
C VAL A 715 -36.04 19.63 -5.44
N GLY A 716 -35.20 20.09 -6.38
CA GLY A 716 -35.67 20.62 -7.63
C GLY A 716 -35.81 19.50 -8.65
N GLU A 717 -36.10 19.89 -9.88
CA GLU A 717 -36.28 18.96 -11.00
C GLU A 717 -37.38 17.94 -10.74
N MSE A 718 -38.32 18.26 -9.86
CA MSE A 718 -39.48 17.40 -9.64
C MSE A 718 -40.36 17.40 -10.88
O MSE A 718 -40.97 16.39 -11.23
CB MSE A 718 -40.28 17.87 -8.42
CG MSE A 718 -39.64 17.59 -7.07
SE MSE A 718 -40.99 17.48 -5.66
CE MSE A 718 -40.02 18.40 -4.23
N GLU A 719 -40.42 18.57 -11.53
CA GLU A 719 -41.25 18.71 -12.72
C GLU A 719 -40.72 17.84 -13.85
N THR A 720 -39.40 17.73 -13.99
CA THR A 720 -38.83 16.90 -15.04
C THR A 720 -38.89 15.42 -14.69
N MSE A 721 -38.92 15.07 -13.41
CA MSE A 721 -39.09 13.68 -13.00
C MSE A 721 -40.52 13.23 -13.23
O MSE A 721 -40.78 12.05 -13.44
CB MSE A 721 -38.71 13.52 -11.53
CG MSE A 721 -37.23 13.22 -11.31
SE MSE A 721 -36.79 12.77 -9.45
CE MSE A 721 -36.49 14.57 -8.76
N LEU A 722 -41.44 14.19 -13.19
CA LEU A 722 -42.85 13.88 -13.43
C LEU A 722 -43.08 13.46 -14.87
N ARG A 723 -42.44 14.14 -15.83
CA ARG A 723 -42.71 13.90 -17.24
C ARG A 723 -42.07 12.62 -17.75
N ILE A 724 -41.01 12.14 -17.10
CA ILE A 724 -40.24 11.03 -17.66
C ILE A 724 -40.44 9.77 -16.83
N GLY A 725 -40.04 9.83 -15.56
CA GLY A 725 -40.08 8.65 -14.72
C GLY A 725 -41.49 8.20 -14.40
N LEU A 726 -42.42 9.13 -14.33
CA LEU A 726 -43.81 8.82 -14.02
C LEU A 726 -44.75 9.13 -15.18
N GLY A 727 -44.25 9.73 -16.25
CA GLY A 727 -45.03 9.99 -17.45
C GLY A 727 -44.90 8.91 -18.49
N ALA A 728 -44.66 9.31 -19.73
CA ALA A 728 -44.69 8.36 -20.85
C ALA A 728 -43.54 7.37 -20.77
N HIS A 729 -42.34 7.85 -20.42
CA HIS A 729 -41.17 6.96 -20.43
C HIS A 729 -41.22 5.95 -19.29
N GLY A 730 -41.80 6.31 -18.14
CA GLY A 730 -41.93 5.36 -17.06
C GLY A 730 -42.76 4.15 -17.43
N ARG A 731 -43.71 4.32 -18.34
CA ARG A 731 -44.52 3.20 -18.83
C ARG A 731 -43.77 2.38 -19.87
N ALA A 732 -42.66 2.89 -20.40
CA ALA A 732 -41.91 2.15 -21.41
C ALA A 732 -41.03 1.08 -20.78
N ASP A 733 -40.17 1.48 -19.85
CA ASP A 733 -39.36 0.55 -19.07
C ASP A 733 -39.58 0.85 -17.60
N LEU A 734 -40.13 -0.12 -16.86
CA LEU A 734 -40.55 0.11 -15.49
C LEU A 734 -39.39 0.32 -14.53
N GLN A 735 -38.18 -0.12 -14.89
CA GLN A 735 -37.03 0.10 -14.02
C GLN A 735 -36.66 1.57 -13.94
N LEU A 736 -36.83 2.30 -15.04
CA LEU A 736 -36.62 3.74 -15.01
C LEU A 736 -37.58 4.41 -14.02
N ALA A 737 -38.84 3.96 -14.00
CA ALA A 737 -39.80 4.49 -13.03
C ALA A 737 -39.41 4.11 -11.61
N LYS A 738 -38.94 2.88 -11.41
CA LYS A 738 -38.50 2.42 -10.09
C LYS A 738 -37.37 3.32 -9.56
N TYR A 739 -36.36 3.58 -10.38
CA TYR A 739 -35.25 4.40 -9.93
C TYR A 739 -35.66 5.87 -9.81
N THR A 740 -36.64 6.31 -10.58
CA THR A 740 -37.19 7.65 -10.38
C THR A 740 -37.88 7.77 -9.04
N CYS A 741 -38.60 6.72 -8.63
CA CYS A 741 -39.22 6.73 -7.30
C CYS A 741 -38.16 6.73 -6.20
N ILE A 742 -37.06 6.00 -6.42
CA ILE A 742 -35.93 6.08 -5.49
C ILE A 742 -35.43 7.52 -5.38
N ALA A 743 -35.22 8.17 -6.52
CA ALA A 743 -34.70 9.53 -6.53
C ALA A 743 -35.67 10.49 -5.86
N LEU A 744 -36.97 10.26 -5.99
CA LEU A 744 -37.95 11.10 -5.31
C LEU A 744 -37.91 10.89 -3.80
N ARG A 745 -37.90 9.62 -3.37
CA ARG A 745 -37.74 9.31 -1.95
C ARG A 745 -36.52 10.00 -1.37
N ARG A 746 -35.46 10.18 -2.17
CA ARG A 746 -34.23 10.78 -1.68
C ARG A 746 -34.38 12.25 -1.25
N ILE A 747 -35.53 12.88 -1.49
CA ILE A 747 -35.67 14.29 -1.09
C ILE A 747 -35.81 14.41 0.42
N ASN A 748 -36.46 13.45 1.07
CA ASN A 748 -36.65 13.47 2.52
C ASN A 748 -35.81 12.38 3.16
N PRO A 749 -34.63 12.68 3.69
CA PRO A 749 -33.77 11.64 4.26
C PRO A 749 -34.01 11.43 5.76
N THR A 750 -33.19 10.55 6.36
CA THR A 750 -33.15 10.39 7.81
C THR A 750 -32.06 11.22 8.46
N SER A 751 -31.16 11.81 7.69
CA SER A 751 -30.08 12.64 8.23
C SER A 751 -30.23 14.08 7.78
N THR A 761 -37.16 18.64 7.92
CA THR A 761 -37.32 20.03 8.32
C THR A 761 -38.22 20.80 7.36
N PHE A 762 -38.16 20.44 6.08
CA PHE A 762 -38.91 21.14 5.06
C PHE A 762 -40.30 20.54 4.88
N SER A 763 -41.23 21.36 4.41
CA SER A 763 -42.64 21.00 4.37
C SER A 763 -42.93 20.00 3.25
N ARG A 764 -43.76 19.01 3.56
CA ARG A 764 -44.14 17.96 2.62
C ARG A 764 -45.30 18.43 1.74
N LEU A 765 -45.56 17.66 0.67
CA LEU A 765 -46.61 17.97 -0.29
C LEU A 765 -48.00 17.67 0.27
N PRO A 766 -49.02 18.49 -0.07
CA PRO A 766 -50.34 18.32 0.55
C PRO A 766 -51.31 17.40 -0.19
N ASN A 767 -50.84 16.24 -0.67
CA ASN A 767 -51.68 15.17 -1.22
C ASN A 767 -52.41 15.56 -2.50
N ASP A 768 -52.49 16.86 -2.78
CA ASP A 768 -53.11 17.37 -3.98
C ASP A 768 -52.10 17.59 -5.08
N HIS A 769 -50.83 17.44 -4.74
CA HIS A 769 -49.72 17.81 -5.60
C HIS A 769 -49.58 16.79 -6.72
N ALA A 770 -48.96 17.22 -7.82
CA ALA A 770 -48.89 16.39 -9.02
C ALA A 770 -48.06 15.13 -8.78
N VAL A 771 -47.00 15.23 -7.97
CA VAL A 771 -46.11 14.08 -7.79
C VAL A 771 -46.84 12.94 -7.09
N LEU A 772 -47.70 13.28 -6.12
CA LEU A 772 -48.38 12.23 -5.37
C LEU A 772 -49.43 11.52 -6.23
N VAL A 773 -50.20 12.27 -7.02
CA VAL A 773 -51.18 11.61 -7.89
C VAL A 773 -50.47 10.84 -8.99
N LYS A 774 -49.26 11.27 -9.40
CA LYS A 774 -48.51 10.50 -10.38
C LYS A 774 -48.00 9.19 -9.78
N LEU A 775 -47.52 9.23 -8.54
CA LEU A 775 -47.10 8.01 -7.86
C LEU A 775 -48.27 7.06 -7.70
N ALA A 776 -49.44 7.59 -7.31
CA ALA A 776 -50.64 6.77 -7.22
C ALA A 776 -51.05 6.21 -8.57
N ALA A 777 -50.86 6.99 -9.64
CA ALA A 777 -51.16 6.50 -10.98
C ALA A 777 -50.24 5.36 -11.38
N ILE A 778 -48.99 5.41 -10.93
CA ILE A 778 -48.10 4.28 -11.20
C ILE A 778 -48.54 3.05 -10.41
N THR A 779 -48.96 3.25 -9.15
CA THR A 779 -49.40 2.10 -8.35
C THR A 779 -50.73 1.52 -8.82
N GLU A 780 -51.42 2.17 -9.75
CA GLU A 780 -52.65 1.62 -10.32
C GLU A 780 -52.27 0.49 -11.28
N VAL A 781 -52.36 -0.75 -10.80
CA VAL A 781 -51.74 -1.94 -11.41
C VAL A 781 -52.15 -2.14 -12.87
N PRO A 782 -51.25 -1.91 -13.82
CA PRO A 782 -51.51 -2.19 -15.23
C PRO A 782 -51.12 -3.59 -15.65
N THR A 783 -51.16 -4.58 -14.76
CA THR A 783 -50.23 -5.68 -14.55
C THR A 783 -49.85 -6.50 -15.79
N ASP A 784 -49.43 -7.75 -15.57
CA ASP A 784 -48.84 -8.71 -16.51
C ASP A 784 -47.30 -8.67 -16.62
N ASN A 785 -46.60 -7.98 -15.73
CA ASN A 785 -45.17 -8.17 -15.62
C ASN A 785 -44.79 -8.55 -14.20
N LYS A 786 -43.73 -9.37 -14.10
CA LYS A 786 -43.21 -9.83 -12.82
C LYS A 786 -42.43 -8.75 -12.09
N GLU A 787 -41.89 -7.76 -12.81
CA GLU A 787 -41.09 -6.72 -12.20
C GLU A 787 -41.93 -5.68 -11.48
N TRP A 788 -43.22 -5.57 -11.84
CA TRP A 788 -44.15 -4.59 -11.28
C TRP A 788 -43.99 -4.41 -9.78
N TYR A 789 -43.81 -5.52 -9.06
CA TYR A 789 -43.75 -5.48 -7.60
C TYR A 789 -42.76 -4.45 -7.10
N GLY A 790 -41.58 -4.36 -7.74
CA GLY A 790 -40.62 -3.35 -7.32
C GLY A 790 -41.14 -1.95 -7.53
N VAL A 791 -41.65 -1.67 -8.73
CA VAL A 791 -42.04 -0.31 -9.11
C VAL A 791 -43.06 0.24 -8.12
N ALA A 792 -44.00 -0.59 -7.68
CA ALA A 792 -44.98 -0.15 -6.69
C ALA A 792 -44.31 0.03 -5.33
N GLU A 793 -43.51 -0.95 -4.89
CA GLU A 793 -42.93 -0.92 -3.56
C GLU A 793 -42.12 0.35 -3.34
N GLN A 794 -41.42 0.81 -4.37
CA GLN A 794 -40.67 2.05 -4.26
C GLN A 794 -41.60 3.26 -4.28
N ALA A 795 -42.61 3.24 -5.16
CA ALA A 795 -43.55 4.35 -5.24
C ALA A 795 -44.20 4.59 -3.89
N ILE A 796 -44.70 3.52 -3.27
CA ILE A 796 -45.23 3.62 -1.91
C ILE A 796 -44.20 4.25 -0.98
N ASN A 797 -42.95 3.80 -1.07
CA ASN A 797 -41.89 4.39 -0.25
C ASN A 797 -41.68 5.86 -0.58
N ALA A 798 -41.85 6.24 -1.85
CA ALA A 798 -41.77 7.65 -2.20
C ALA A 798 -42.98 8.44 -1.68
N ILE A 799 -44.09 7.76 -1.43
CA ILE A 799 -45.28 8.44 -0.90
C ILE A 799 -45.14 8.63 0.61
N TYR A 800 -44.73 7.59 1.32
CA TYR A 800 -44.64 7.66 2.77
C TYR A 800 -43.50 8.57 3.23
N ALA A 801 -42.47 8.72 2.41
CA ALA A 801 -41.36 9.60 2.77
C ALA A 801 -41.64 11.05 2.44
N LEU A 802 -42.51 11.32 1.47
CA LEU A 802 -42.78 12.70 1.06
C LEU A 802 -44.27 12.89 0.79
N SER A 803 -45.01 13.25 1.84
CA SER A 803 -46.38 13.77 1.73
C SER A 803 -46.88 14.22 3.10
N LYS A 804 -47.84 15.15 3.13
CA LYS A 804 -48.37 15.57 4.42
C LYS A 804 -49.14 14.44 5.08
N HIS A 805 -49.84 13.62 4.29
CA HIS A 805 -50.65 12.52 4.81
C HIS A 805 -50.51 11.33 3.86
N PRO A 806 -49.55 10.43 4.14
CA PRO A 806 -49.36 9.28 3.24
C PRO A 806 -50.45 8.24 3.38
N ASP A 807 -50.87 7.96 4.62
CA ASP A 807 -51.92 6.97 4.86
C ASP A 807 -53.16 7.26 4.02
N VAL A 808 -53.57 8.53 3.98
CA VAL A 808 -54.77 8.92 3.24
C VAL A 808 -54.65 8.52 1.78
N LEU A 809 -53.52 8.85 1.15
CA LEU A 809 -53.36 8.58 -0.28
C LEU A 809 -53.30 7.07 -0.55
N CYS A 810 -52.55 6.32 0.27
CA CYS A 810 -52.38 4.90 -0.05
C CYS A 810 -53.65 4.09 0.22
N SER A 811 -54.45 4.48 1.22
CA SER A 811 -55.69 3.77 1.46
C SER A 811 -56.63 3.88 0.26
N GLU A 812 -56.63 5.03 -0.40
CA GLU A 812 -57.44 5.20 -1.61
C GLU A 812 -56.98 4.24 -2.70
N ILE A 813 -55.68 4.01 -2.81
CA ILE A 813 -55.18 3.07 -3.82
C ILE A 813 -55.61 1.66 -3.49
N ILE A 814 -55.62 1.29 -2.21
CA ILE A 814 -56.13 -0.03 -1.85
C ILE A 814 -57.60 -0.17 -2.22
N ARG A 815 -58.41 0.83 -1.85
CA ARG A 815 -59.83 0.79 -2.19
C ARG A 815 -60.07 0.88 -3.69
N ARG A 816 -59.11 1.37 -4.46
CA ARG A 816 -59.25 1.47 -5.90
C ARG A 816 -58.91 0.15 -6.57
N LYS A 817 -57.80 -0.46 -6.13
CA LYS A 817 -57.33 -1.70 -6.75
C LYS A 817 -58.11 -2.91 -6.28
N THR A 818 -58.88 -2.80 -5.21
CA THR A 818 -59.72 -3.93 -4.83
C THR A 818 -60.88 -4.18 -5.80
N ARG A 819 -60.97 -3.42 -6.90
CA ARG A 819 -62.01 -3.63 -7.91
C ARG A 819 -61.78 -4.86 -8.76
N ALA A 820 -60.58 -5.43 -8.74
CA ALA A 820 -60.29 -6.63 -9.52
C ALA A 820 -59.51 -7.64 -8.68
N VAL A 831 -58.37 -11.07 -13.52
CA VAL A 831 -58.42 -12.46 -13.10
C VAL A 831 -57.04 -12.95 -12.65
N ILE A 832 -56.95 -13.15 -11.34
CA ILE A 832 -55.89 -13.79 -10.57
C ILE A 832 -54.60 -12.98 -10.52
N GLY A 833 -54.32 -12.20 -11.54
CA GLY A 833 -53.07 -11.47 -11.56
C GLY A 833 -53.23 -10.26 -10.67
N LEU A 834 -54.32 -9.55 -10.91
CA LEU A 834 -54.73 -8.47 -10.02
C LEU A 834 -54.85 -8.94 -8.57
N SER A 835 -55.06 -10.25 -8.35
CA SER A 835 -55.20 -10.68 -6.96
C SER A 835 -53.86 -10.62 -6.24
N GLN A 836 -52.76 -10.90 -6.95
CA GLN A 836 -51.45 -10.83 -6.33
C GLN A 836 -51.01 -9.39 -6.13
N LEU A 837 -51.11 -8.58 -7.19
CA LEU A 837 -50.63 -7.20 -7.13
C LEU A 837 -51.32 -6.41 -6.02
N LEU A 838 -52.62 -6.66 -5.81
CA LEU A 838 -53.33 -5.99 -4.73
C LEU A 838 -52.88 -6.51 -3.37
N PHE A 839 -52.59 -7.81 -3.28
CA PHE A 839 -52.20 -8.39 -2.00
C PHE A 839 -50.81 -7.91 -1.58
N ILE A 840 -49.91 -7.73 -2.54
CA ILE A 840 -48.56 -7.28 -2.23
C ILE A 840 -48.57 -5.86 -1.67
N VAL A 841 -49.19 -4.92 -2.39
CA VAL A 841 -49.28 -3.55 -1.94
C VAL A 841 -49.81 -3.48 -0.51
N GLY A 842 -50.93 -4.14 -0.24
CA GLY A 842 -51.53 -4.15 1.09
C GLY A 842 -50.51 -4.45 2.18
N HIS A 843 -49.59 -5.37 1.91
CA HIS A 843 -48.59 -5.70 2.91
C HIS A 843 -47.58 -4.56 3.08
N VAL A 844 -47.05 -4.05 1.97
CA VAL A 844 -46.02 -3.03 2.06
C VAL A 844 -46.58 -1.76 2.72
N ALA A 845 -47.77 -1.35 2.29
CA ALA A 845 -48.44 -0.22 2.92
C ALA A 845 -48.59 -0.42 4.42
N ILE A 846 -48.71 -1.67 4.88
CA ILE A 846 -48.70 -1.92 6.31
C ILE A 846 -47.31 -1.72 6.90
N LYS A 847 -46.29 -2.34 6.27
CA LYS A 847 -44.94 -2.24 6.80
C LYS A 847 -44.43 -0.81 6.80
N GLN A 848 -44.83 -0.01 5.81
CA GLN A 848 -44.54 1.41 5.84
C GLN A 848 -45.28 2.10 6.98
N ILE A 849 -46.56 1.75 7.17
CA ILE A 849 -47.35 2.42 8.18
C ILE A 849 -46.73 2.26 9.57
N VAL A 850 -46.26 1.06 9.90
CA VAL A 850 -45.52 0.87 11.13
C VAL A 850 -44.39 1.90 11.24
N HIS A 851 -43.55 2.00 10.20
CA HIS A 851 -42.49 3.00 10.22
C HIS A 851 -43.06 4.39 10.43
N LEU A 852 -44.16 4.71 9.74
CA LEU A 852 -44.81 6.01 9.91
C LEU A 852 -45.11 6.26 11.39
N GLU A 853 -45.62 5.25 12.09
CA GLU A 853 -45.84 5.38 13.53
C GLU A 853 -44.57 5.82 14.24
N LEU A 854 -43.48 5.07 14.03
CA LEU A 854 -42.20 5.42 14.64
C LEU A 854 -41.74 6.81 14.21
N CYS A 855 -42.10 7.23 13.00
CA CYS A 855 -41.80 8.59 12.58
C CYS A 855 -42.62 9.59 13.39
N GLU A 856 -43.93 9.35 13.50
CA GLU A 856 -44.80 10.27 14.22
C GLU A 856 -44.44 10.35 15.70
N LEU A 857 -43.93 9.26 16.28
CA LEU A 857 -43.46 9.30 17.66
C LEU A 857 -42.22 10.17 17.81
N ASP A 858 -41.43 10.29 16.74
CA ASP A 858 -40.21 11.10 16.81
C ASP A 858 -40.46 12.56 16.49
N PHE A 859 -41.42 12.84 15.58
CA PHE A 859 -41.74 14.21 15.24
C PHE A 859 -42.48 14.91 16.36
N LYS A 860 -43.20 14.16 17.19
CA LYS A 860 -43.94 14.77 18.28
C LYS A 860 -43.05 14.97 19.50
N ARG A 861 -42.13 14.02 19.75
CA ARG A 861 -41.23 14.14 20.88
C ARG A 861 -40.17 15.23 20.69
N ARG A 862 -39.98 15.70 19.47
CA ARG A 862 -39.01 16.74 19.17
C ARG A 862 -39.49 18.15 19.54
N LYS A 863 -40.58 18.29 20.29
CA LYS A 863 -41.10 19.62 20.60
C LYS A 863 -40.18 20.37 21.57
N GLN A 864 -40.06 19.85 22.79
CA GLN A 864 -39.11 20.35 23.78
C GLN A 864 -39.20 21.88 23.94
N GLU A 865 -40.36 22.33 24.42
CA GLU A 865 -40.55 23.76 24.69
C GLU A 865 -39.89 24.18 26.02
N ASP A 878 -47.28 12.96 27.05
CA ASP A 878 -46.18 12.03 26.85
C ASP A 878 -46.66 10.59 27.01
N ASN A 879 -47.80 10.28 26.38
CA ASN A 879 -48.41 8.97 26.54
C ASN A 879 -47.64 7.90 25.76
N GLU A 880 -47.48 8.12 24.45
CA GLU A 880 -46.79 7.20 23.54
C GLU A 880 -47.53 5.86 23.42
N LEU A 881 -48.68 5.75 24.10
CA LEU A 881 -49.49 4.54 23.99
C LEU A 881 -50.38 4.55 22.75
N ASP A 882 -50.63 5.73 22.18
CA ASP A 882 -51.44 5.80 20.97
C ASP A 882 -50.73 5.16 19.78
N MSE A 883 -49.40 5.10 19.81
CA MSE A 883 -48.62 4.48 18.74
C MSE A 883 -48.81 2.97 18.75
O MSE A 883 -49.25 2.38 17.77
CB MSE A 883 -47.14 4.82 18.88
CG MSE A 883 -46.88 6.22 19.43
SE MSE A 883 -47.52 7.64 18.25
CE MSE A 883 -47.18 9.17 19.42
N ILE A 884 -48.47 2.34 19.88
CA ILE A 884 -48.68 0.91 20.01
C ILE A 884 -50.17 0.57 20.02
N GLY A 885 -51.01 1.52 20.44
CA GLY A 885 -52.44 1.32 20.36
C GLY A 885 -52.99 1.37 18.95
N GLY A 886 -52.30 2.09 18.07
CA GLY A 886 -52.67 2.10 16.67
C GLY A 886 -52.21 0.90 15.88
N THR A 887 -51.34 0.07 16.47
CA THR A 887 -50.87 -1.14 15.84
C THR A 887 -51.58 -2.40 16.33
N THR A 888 -52.40 -2.28 17.38
CA THR A 888 -53.06 -3.45 17.93
C THR A 888 -54.15 -3.98 17.00
N GLU A 889 -54.84 -3.10 16.30
CA GLU A 889 -55.93 -3.51 15.44
C GLU A 889 -55.41 -4.08 14.13
N ASP A 890 -56.28 -4.86 13.46
CA ASP A 890 -55.88 -5.52 12.23
C ASP A 890 -55.62 -4.52 11.11
N ASP A 891 -56.49 -3.51 10.97
CA ASP A 891 -56.33 -2.39 10.06
C ASP A 891 -56.53 -2.77 8.60
N PHE A 892 -56.69 -4.06 8.31
CA PHE A 892 -56.88 -4.50 6.93
C PHE A 892 -57.41 -5.93 6.95
N THR A 893 -57.99 -6.34 5.82
CA THR A 893 -58.62 -7.65 5.68
C THR A 893 -57.53 -8.71 5.55
N GLU A 894 -57.04 -9.16 6.70
CA GLU A 894 -56.04 -10.22 6.79
C GLU A 894 -56.67 -11.60 6.86
N ALA A 895 -57.97 -11.72 6.59
CA ALA A 895 -58.63 -13.01 6.70
C ALA A 895 -58.20 -13.95 5.59
N MSE A 896 -58.15 -13.47 4.36
CA MSE A 896 -57.79 -14.30 3.21
C MSE A 896 -56.28 -14.46 3.08
O MSE A 896 -55.80 -15.21 2.24
CB MSE A 896 -58.36 -13.71 1.92
CG MSE A 896 -57.96 -12.26 1.66
SE MSE A 896 -58.95 -11.48 0.17
CE MSE A 896 -60.65 -11.18 1.07
N ALA A 897 -55.53 -13.77 3.94
CA ALA A 897 -54.08 -13.89 3.92
C ALA A 897 -53.64 -15.28 4.39
N HIS A 898 -54.32 -15.82 5.40
CA HIS A 898 -54.07 -17.17 5.87
C HIS A 898 -54.95 -18.21 5.22
N ILE A 899 -56.12 -17.81 4.73
CA ILE A 899 -57.04 -18.77 4.11
C ILE A 899 -56.51 -19.23 2.76
N ARG A 900 -56.04 -18.29 1.94
CA ARG A 900 -55.48 -18.65 0.63
C ARG A 900 -54.11 -19.30 0.76
N GLU A 901 -53.43 -19.11 1.89
CA GLU A 901 -52.12 -19.72 2.08
C GLU A 901 -52.24 -21.22 2.31
N ARG A 902 -53.24 -21.64 3.09
CA ARG A 902 -53.40 -23.06 3.39
C ARG A 902 -54.06 -23.81 2.23
N GLU A 903 -55.10 -23.23 1.64
CA GLU A 903 -55.89 -23.91 0.62
C GLU A 903 -55.19 -23.79 -0.73
N LEU A 904 -55.89 -24.23 -1.79
CA LEU A 904 -55.40 -24.07 -3.16
C LEU A 904 -55.79 -22.71 -3.70
N ASN A 933 -45.95 -18.26 -8.75
CA ASN A 933 -46.38 -16.98 -9.28
C ASN A 933 -47.60 -16.46 -8.54
N LEU A 934 -48.63 -17.31 -8.44
CA LEU A 934 -49.87 -16.92 -7.79
C LEU A 934 -49.71 -16.83 -6.28
N GLN A 935 -49.27 -17.92 -5.66
CA GLN A 935 -49.05 -17.99 -4.21
C GLN A 935 -47.81 -17.23 -3.77
N GLN A 936 -46.94 -16.87 -4.71
CA GLN A 936 -45.68 -16.21 -4.38
C GLN A 936 -45.92 -14.89 -3.67
N ALA A 937 -46.92 -14.13 -4.12
CA ALA A 937 -47.24 -12.87 -3.47
C ALA A 937 -48.04 -13.05 -2.20
N ALA A 938 -48.85 -14.13 -2.11
CA ALA A 938 -49.62 -14.38 -0.91
C ALA A 938 -48.71 -14.70 0.27
N THR A 939 -47.65 -15.47 0.03
CA THR A 939 -46.69 -15.75 1.09
C THR A 939 -46.11 -14.46 1.65
N LEU A 940 -45.72 -13.54 0.77
CA LEU A 940 -45.14 -12.27 1.22
C LEU A 940 -46.18 -11.38 1.88
N CYS A 941 -47.42 -11.42 1.41
CA CYS A 941 -48.47 -10.62 2.03
C CYS A 941 -48.75 -11.10 3.45
N LEU A 942 -48.68 -12.41 3.68
CA LEU A 942 -48.89 -12.93 5.03
C LEU A 942 -47.68 -12.62 5.91
N ALA A 943 -46.47 -12.87 5.42
CA ALA A 943 -45.27 -12.66 6.23
C ALA A 943 -45.08 -11.19 6.58
N LYS A 944 -45.35 -10.29 5.62
CA LYS A 944 -45.19 -8.87 5.87
C LYS A 944 -46.19 -8.32 6.86
N LEU A 945 -47.38 -8.91 6.91
CA LEU A 945 -48.38 -8.47 7.88
C LEU A 945 -48.03 -8.89 9.29
N MSE A 946 -47.30 -10.00 9.44
CA MSE A 946 -46.95 -10.53 10.76
C MSE A 946 -45.92 -9.67 11.46
O MSE A 946 -45.74 -9.77 12.67
CB MSE A 946 -46.42 -11.96 10.64
CG MSE A 946 -47.44 -12.99 10.21
SE MSE A 946 -46.58 -14.69 9.76
CE MSE A 946 -45.77 -15.11 11.50
N CYS A 947 -45.22 -8.84 10.69
CA CYS A 947 -44.17 -7.99 11.25
C CYS A 947 -44.69 -6.96 12.23
N VAL A 948 -46.01 -6.76 12.30
CA VAL A 948 -46.56 -5.90 13.34
C VAL A 948 -46.43 -6.59 14.70
N SER A 949 -46.63 -7.91 14.74
CA SER A 949 -46.38 -8.72 15.92
C SER A 949 -47.24 -8.32 17.12
N SER A 950 -48.46 -7.81 16.87
CA SER A 950 -49.37 -7.49 17.98
C SER A 950 -50.08 -8.74 18.48
N GLU A 951 -50.98 -9.30 17.66
CA GLU A 951 -51.55 -10.61 17.94
C GLU A 951 -51.63 -11.53 16.72
N TYR A 952 -51.62 -11.00 15.50
CA TYR A 952 -51.73 -11.83 14.30
C TYR A 952 -50.52 -12.75 14.15
N CYS A 953 -49.33 -12.27 14.55
CA CYS A 953 -48.12 -13.06 14.47
C CYS A 953 -48.17 -14.28 15.38
N GLU A 954 -48.73 -14.11 16.58
CA GLU A 954 -48.81 -15.24 17.50
C GLU A 954 -49.65 -16.37 16.93
N ALA A 955 -50.68 -16.03 16.17
CA ALA A 955 -51.56 -17.06 15.62
C ALA A 955 -51.02 -17.63 14.31
N ASN A 956 -50.25 -16.86 13.55
CA ASN A 956 -49.70 -17.34 12.29
C ASN A 956 -48.23 -17.74 12.36
N LEU A 957 -47.65 -17.83 13.56
CA LEU A 957 -46.26 -18.20 13.76
C LEU A 957 -45.93 -19.66 13.44
N PRO A 958 -46.77 -20.64 13.82
CA PRO A 958 -46.54 -22.01 13.31
C PRO A 958 -46.86 -22.12 11.84
N LEU A 959 -47.76 -21.27 11.35
CA LEU A 959 -48.23 -21.37 9.97
C LEU A 959 -47.12 -21.01 9.00
N LEU A 960 -46.27 -20.03 9.34
CA LEU A 960 -45.22 -19.70 8.37
C LEU A 960 -44.06 -20.67 8.47
N ILE A 961 -43.82 -21.24 9.65
CA ILE A 961 -42.77 -22.25 9.77
C ILE A 961 -43.12 -23.46 8.93
N THR A 962 -44.40 -23.86 8.91
CA THR A 962 -44.77 -25.00 8.08
C THR A 962 -44.56 -24.72 6.60
N ILE A 963 -44.70 -23.47 6.16
CA ILE A 963 -44.41 -23.15 4.76
C ILE A 963 -42.91 -23.12 4.52
N MSE A 964 -42.19 -22.53 5.48
CA MSE A 964 -40.76 -22.31 5.31
C MSE A 964 -40.15 -23.63 5.12
O MSE A 964 -39.38 -23.84 4.18
CB MSE A 964 -40.26 -21.70 6.63
CG MSE A 964 -38.75 -21.50 6.85
SE MSE A 964 -38.36 -20.03 8.10
CE MSE A 964 -36.87 -20.73 9.13
N GLU A 965 -40.51 -24.54 5.99
CA GLU A 965 -39.98 -25.87 5.89
C GLU A 965 -40.47 -26.66 4.70
N ARG A 966 -41.75 -26.54 4.36
CA ARG A 966 -42.32 -27.34 3.29
C ARG A 966 -42.54 -26.75 1.91
N SER A 967 -42.03 -25.56 1.66
CA SER A 967 -42.27 -24.92 0.39
C SER A 967 -41.44 -25.39 -0.79
N PRO A 968 -42.13 -25.85 -1.91
CA PRO A 968 -41.26 -26.28 -3.03
C PRO A 968 -40.54 -25.11 -3.66
N ASP A 969 -41.31 -24.08 -3.98
CA ASP A 969 -40.76 -22.82 -4.48
C ASP A 969 -39.69 -22.29 -3.52
N PRO A 970 -38.43 -22.15 -3.95
CA PRO A 970 -37.39 -21.65 -3.03
C PRO A 970 -37.44 -20.14 -2.80
N THR A 971 -38.06 -19.37 -3.70
CA THR A 971 -38.10 -17.93 -3.51
C THR A 971 -38.94 -17.56 -2.29
N VAL A 972 -40.11 -18.19 -2.12
CA VAL A 972 -40.91 -17.92 -0.94
C VAL A 972 -40.21 -18.42 0.31
N ARG A 973 -39.42 -19.49 0.19
CA ARG A 973 -38.63 -19.96 1.33
C ARG A 973 -37.62 -18.90 1.78
N SER A 974 -36.89 -18.32 0.82
CA SER A 974 -35.93 -17.28 1.16
C SER A 974 -36.64 -16.06 1.75
N ASN A 975 -37.76 -15.66 1.15
CA ASN A 975 -38.55 -14.57 1.71
C ASN A 975 -38.95 -14.87 3.15
N ALA A 976 -39.28 -16.14 3.44
CA ALA A 976 -39.68 -16.53 4.78
C ALA A 976 -38.54 -16.40 5.77
N VAL A 977 -37.33 -16.81 5.38
CA VAL A 977 -36.19 -16.62 6.27
C VAL A 977 -35.97 -15.14 6.57
N ILE A 978 -36.02 -14.32 5.52
CA ILE A 978 -35.80 -12.88 5.71
C ILE A 978 -36.90 -12.30 6.62
N ALA A 979 -38.11 -12.88 6.57
CA ALA A 979 -39.18 -12.38 7.43
C ALA A 979 -38.99 -12.84 8.87
N LEU A 980 -38.47 -14.06 9.07
CA LEU A 980 -38.13 -14.51 10.41
C LEU A 980 -37.12 -13.59 11.05
N GLY A 981 -36.21 -13.06 10.24
CA GLY A 981 -35.31 -12.02 10.73
C GLY A 981 -36.05 -10.88 11.42
N ASP A 982 -37.21 -10.50 10.89
CA ASP A 982 -38.01 -9.43 11.50
C ASP A 982 -38.85 -9.92 12.66
N MSE A 983 -39.33 -11.15 12.61
CA MSE A 983 -40.09 -11.72 13.72
C MSE A 983 -39.23 -11.74 14.97
O MSE A 983 -39.73 -11.57 16.08
CB MSE A 983 -40.59 -13.13 13.42
CG MSE A 983 -41.09 -13.33 12.01
SE MSE A 983 -42.71 -12.32 11.65
CE MSE A 983 -42.91 -12.73 9.76
N ALA A 984 -37.92 -11.94 14.79
CA ALA A 984 -37.03 -11.96 15.95
C ALA A 984 -36.86 -10.57 16.56
N VAL A 985 -36.78 -9.54 15.71
CA VAL A 985 -36.52 -8.19 16.22
C VAL A 985 -37.77 -7.54 16.78
N CYS A 986 -38.94 -7.85 16.24
CA CYS A 986 -40.18 -7.27 16.71
C CYS A 986 -41.13 -8.36 17.19
N ILE A 991 -40.16 -9.57 20.96
CA ILE A 991 -39.09 -10.56 20.83
C ILE A 991 -39.58 -11.95 21.24
N ASP A 992 -39.27 -12.96 20.41
CA ASP A 992 -39.64 -14.34 20.68
C ASP A 992 -38.40 -15.21 20.48
N GLU A 993 -37.87 -15.75 21.58
CA GLU A 993 -36.69 -16.60 21.54
C GLU A 993 -37.06 -18.05 21.25
N ASN A 994 -37.79 -18.25 20.17
CA ASN A 994 -38.39 -19.53 19.88
C ASN A 994 -37.48 -20.50 19.13
N THR A 995 -36.30 -20.05 18.68
CA THR A 995 -35.63 -20.48 17.45
C THR A 995 -35.39 -21.99 17.35
N ASP A 996 -34.46 -22.38 16.48
CA ASP A 996 -34.07 -23.74 16.12
C ASP A 996 -34.91 -24.29 14.97
N PHE A 997 -35.93 -23.57 14.50
CA PHE A 997 -36.53 -23.81 13.20
C PHE A 997 -36.00 -22.84 12.16
N LEU A 998 -35.49 -21.68 12.61
CA LEU A 998 -34.76 -20.77 11.75
C LEU A 998 -33.39 -21.33 11.39
N TYR A 999 -32.69 -21.90 12.37
CA TYR A 999 -31.39 -22.51 12.12
C TYR A 999 -31.51 -23.72 11.20
N ARG A 1000 -32.64 -24.44 11.28
CA ARG A 1000 -32.79 -25.72 10.57
C ARG A 1000 -32.72 -25.58 9.07
N ARG A 1001 -32.84 -24.37 8.53
CA ARG A 1001 -32.75 -24.17 7.08
C ARG A 1001 -31.32 -23.97 6.62
N LEU A 1002 -30.34 -24.05 7.53
CA LEU A 1002 -28.94 -24.03 7.12
C LEU A 1002 -28.64 -25.17 6.14
N ALA A 1003 -29.31 -26.31 6.30
CA ALA A 1003 -29.19 -27.45 5.40
C ALA A 1003 -30.42 -27.45 4.49
N ASP A 1004 -30.20 -27.20 3.20
CA ASP A 1004 -31.26 -27.03 2.24
C ASP A 1004 -30.74 -27.51 0.89
N PRO A 1005 -31.58 -28.13 0.06
CA PRO A 1005 -31.07 -28.59 -1.25
C PRO A 1005 -30.64 -27.44 -2.16
N GLN A 1006 -31.39 -26.34 -2.17
CA GLN A 1006 -31.00 -25.19 -2.99
C GLN A 1006 -29.93 -24.38 -2.25
N PRO A 1007 -28.86 -23.98 -2.91
CA PRO A 1007 -27.83 -23.17 -2.22
C PRO A 1007 -28.30 -21.76 -1.91
N MSE A 1008 -29.19 -21.21 -2.72
CA MSE A 1008 -29.68 -19.85 -2.49
C MSE A 1008 -30.21 -19.70 -1.11
O MSE A 1008 -29.72 -18.87 -0.33
CB MSE A 1008 -30.89 -19.49 -3.34
CG MSE A 1008 -31.27 -18.01 -3.15
SE MSE A 1008 -32.39 -17.68 -1.56
CE MSE A 1008 -33.45 -16.16 -2.19
N VAL A 1009 -31.23 -20.49 -0.79
CA VAL A 1009 -31.85 -20.39 0.53
C VAL A 1009 -30.85 -20.65 1.64
N LYS A 1010 -29.74 -21.36 1.34
CA LYS A 1010 -28.67 -21.41 2.34
C LYS A 1010 -28.07 -20.04 2.56
N ARG A 1011 -27.64 -19.38 1.48
CA ARG A 1011 -26.92 -18.11 1.60
C ARG A 1011 -27.76 -17.05 2.28
N THR A 1012 -29.03 -16.92 1.88
CA THR A 1012 -29.91 -15.95 2.52
C THR A 1012 -30.16 -16.30 3.99
N CYS A 1013 -30.09 -17.57 4.35
CA CYS A 1013 -30.33 -17.95 5.74
C CYS A 1013 -29.17 -17.52 6.62
N LEU A 1014 -27.98 -18.07 6.35
CA LEU A 1014 -26.78 -17.75 7.12
C LEU A 1014 -26.63 -16.25 7.32
N MSE A 1015 -26.70 -15.51 6.22
CA MSE A 1015 -26.62 -14.05 6.24
C MSE A 1015 -27.51 -13.46 7.32
O MSE A 1015 -27.02 -12.82 8.24
CB MSE A 1015 -26.99 -13.47 4.88
CG MSE A 1015 -25.98 -12.48 4.32
SE MSE A 1015 -26.07 -12.32 2.37
CE MSE A 1015 -25.22 -14.01 1.89
N THR A 1016 -28.82 -13.74 7.23
CA THR A 1016 -29.73 -13.23 8.25
C THR A 1016 -29.31 -13.69 9.64
N LEU A 1017 -28.95 -14.99 9.77
CA LEU A 1017 -28.41 -15.50 11.03
C LEU A 1017 -27.24 -14.64 11.51
N THR A 1018 -26.30 -14.36 10.61
CA THR A 1018 -25.13 -13.58 10.98
C THR A 1018 -25.40 -12.08 10.99
N PHE A 1019 -26.60 -11.64 10.59
CA PHE A 1019 -26.90 -10.22 10.69
C PHE A 1019 -27.42 -9.87 12.08
N LEU A 1020 -28.43 -10.60 12.55
CA LEU A 1020 -28.99 -10.35 13.88
C LEU A 1020 -28.05 -10.76 15.00
N ILE A 1021 -26.97 -11.48 14.69
CA ILE A 1021 -26.08 -11.98 15.73
C ILE A 1021 -25.27 -10.86 16.37
N LEU A 1022 -25.21 -9.69 15.74
CA LEU A 1022 -24.37 -8.63 16.28
C LEU A 1022 -25.04 -7.92 17.46
N ALA A 1023 -26.35 -7.72 17.38
CA ALA A 1023 -27.11 -7.16 18.50
C ALA A 1023 -28.56 -7.56 18.32
N GLY A 1024 -29.08 -8.34 19.27
CA GLY A 1024 -30.43 -8.86 19.15
C GLY A 1024 -30.49 -10.35 18.85
N GLN A 1025 -29.62 -11.12 19.47
CA GLN A 1025 -29.62 -12.57 19.30
C GLN A 1025 -29.27 -13.26 20.62
N GLY A 1030 -25.68 -18.62 21.22
CA GLY A 1030 -26.30 -19.89 21.53
C GLY A 1030 -26.23 -20.92 20.42
N GLN A 1031 -25.63 -22.07 20.73
CA GLN A 1031 -25.54 -23.21 19.81
C GLN A 1031 -24.82 -22.81 18.52
N LEU A 1032 -23.54 -22.47 18.68
CA LEU A 1032 -22.68 -22.05 17.58
C LEU A 1032 -21.88 -23.20 16.99
N GLY A 1033 -22.38 -24.43 17.09
CA GLY A 1033 -21.68 -25.57 16.52
C GLY A 1033 -21.86 -25.67 15.02
N GLU A 1034 -23.11 -25.79 14.57
CA GLU A 1034 -23.38 -25.95 13.15
C GLU A 1034 -22.82 -24.81 12.32
N MSE A 1035 -22.70 -23.63 12.92
CA MSE A 1035 -22.16 -22.46 12.22
C MSE A 1035 -20.74 -22.71 11.74
O MSE A 1035 -20.34 -22.22 10.69
CB MSE A 1035 -22.18 -21.23 13.13
CG MSE A 1035 -22.30 -19.90 12.39
SE MSE A 1035 -23.43 -18.61 13.33
CE MSE A 1035 -25.17 -19.27 12.75
N ALA A 1036 -19.96 -23.48 12.50
CA ALA A 1036 -18.63 -23.84 12.04
C ALA A 1036 -18.69 -24.84 10.89
N LYS A 1037 -19.71 -25.71 10.87
CA LYS A 1037 -19.81 -26.72 9.83
C LYS A 1037 -19.96 -26.11 8.45
N CYS A 1038 -20.50 -24.89 8.37
CA CYS A 1038 -20.62 -24.21 7.08
C CYS A 1038 -19.26 -23.81 6.50
N LEU A 1039 -18.21 -23.80 7.32
CA LEU A 1039 -16.89 -23.41 6.80
C LEU A 1039 -16.37 -24.42 5.80
N GLU A 1040 -16.84 -25.67 5.88
CA GLU A 1040 -16.44 -26.72 4.96
C GLU A 1040 -17.48 -27.02 3.89
N ASP A 1041 -18.64 -26.36 3.95
CA ASP A 1041 -19.72 -26.61 2.99
C ASP A 1041 -19.32 -26.12 1.60
N GLU A 1042 -19.99 -26.68 0.60
CA GLU A 1042 -19.71 -26.35 -0.80
C GLU A 1042 -20.07 -24.88 -1.07
N ASP A 1043 -19.78 -24.46 -2.31
CA ASP A 1043 -20.16 -23.12 -2.76
C ASP A 1043 -19.49 -22.04 -1.93
N LYS A 1044 -18.18 -21.83 -2.16
CA LYS A 1044 -17.29 -21.03 -1.32
C LYS A 1044 -17.87 -19.74 -0.75
N ARG A 1045 -18.90 -19.17 -1.38
CA ARG A 1045 -19.57 -18.01 -0.79
C ARG A 1045 -20.02 -18.30 0.65
N ILE A 1046 -20.56 -19.49 0.89
CA ILE A 1046 -21.00 -19.86 2.23
C ILE A 1046 -19.83 -19.87 3.20
N ALA A 1047 -18.70 -20.46 2.80
CA ALA A 1047 -17.54 -20.52 3.67
C ALA A 1047 -16.95 -19.14 3.93
N ASP A 1048 -16.99 -18.25 2.93
CA ASP A 1048 -16.48 -16.90 3.13
C ASP A 1048 -17.35 -16.14 4.13
N LEU A 1049 -18.68 -16.22 3.97
CA LEU A 1049 -19.58 -15.61 4.94
C LEU A 1049 -19.33 -16.17 6.34
N ALA A 1050 -19.14 -17.49 6.44
CA ALA A 1050 -18.89 -18.12 7.73
C ALA A 1050 -17.62 -17.59 8.37
N ARG A 1051 -16.52 -17.57 7.60
CA ARG A 1051 -15.26 -17.07 8.13
C ARG A 1051 -15.38 -15.61 8.56
N MSE A 1052 -16.15 -14.82 7.80
CA MSE A 1052 -16.41 -13.43 8.16
C MSE A 1052 -17.09 -13.33 9.52
O MSE A 1052 -16.75 -12.47 10.34
CB MSE A 1052 -17.27 -12.75 7.09
CG MSE A 1052 -17.16 -11.24 7.06
SE MSE A 1052 -18.57 -10.36 8.06
CE MSE A 1052 -17.78 -8.58 8.20
N PHE A 1053 -18.05 -14.25 9.75
CA PHE A 1053 -18.78 -14.24 11.02
C PHE A 1053 -17.82 -14.38 12.20
N PHE A 1054 -16.88 -15.33 12.13
CA PHE A 1054 -15.97 -15.55 13.26
C PHE A 1054 -14.88 -14.50 13.33
N THR A 1055 -14.44 -13.96 12.20
CA THR A 1055 -13.46 -12.88 12.23
C THR A 1055 -14.01 -11.64 12.93
N GLU A 1056 -15.17 -11.16 12.47
CA GLU A 1056 -15.82 -10.05 13.16
C GLU A 1056 -16.33 -10.45 14.56
N LEU A 1057 -16.52 -11.75 14.81
CA LEU A 1057 -17.06 -12.18 16.09
C LEU A 1057 -16.08 -11.97 17.23
N SER A 1058 -14.78 -12.02 16.96
CA SER A 1058 -13.81 -11.78 18.01
C SER A 1058 -13.91 -10.33 18.46
N THR A 1059 -14.46 -10.12 19.65
CA THR A 1059 -14.75 -8.77 20.11
C THR A 1059 -13.97 -8.47 21.39
N HIS A 1067 -14.82 -13.46 23.93
CA HIS A 1067 -13.93 -14.55 24.29
C HIS A 1067 -14.05 -15.71 23.31
N PHE A 1068 -12.90 -16.16 22.79
CA PHE A 1068 -12.88 -17.30 21.89
C PHE A 1068 -13.08 -18.62 22.62
N VAL A 1069 -12.81 -18.66 23.93
CA VAL A 1069 -13.03 -19.89 24.70
C VAL A 1069 -14.52 -20.21 24.80
N ASP A 1070 -15.37 -19.19 24.82
CA ASP A 1070 -16.81 -19.42 24.85
C ASP A 1070 -17.29 -20.22 23.65
N MSE A 1071 -16.53 -20.21 22.55
CA MSE A 1071 -16.86 -21.00 21.38
C MSE A 1071 -16.39 -22.44 21.56
O MSE A 1071 -17.04 -23.38 21.10
CB MSE A 1071 -16.24 -20.37 20.13
CG MSE A 1071 -16.05 -21.32 18.95
SE MSE A 1071 -17.71 -22.05 18.24
CE MSE A 1071 -16.96 -23.15 16.81
N PHE A 1072 -15.25 -22.62 22.23
CA PHE A 1072 -14.66 -23.94 22.36
C PHE A 1072 -15.53 -24.88 23.20
N SER A 1073 -16.37 -24.34 24.08
CA SER A 1073 -17.31 -25.20 24.82
C SER A 1073 -18.33 -25.82 23.88
N LEU A 1074 -18.82 -25.03 22.90
CA LEU A 1074 -19.72 -25.57 21.89
C LEU A 1074 -18.96 -26.37 20.84
N LEU A 1075 -17.72 -25.96 20.53
CA LEU A 1075 -16.93 -26.66 19.53
C LEU A 1075 -16.51 -28.06 19.99
N SER A 1076 -16.52 -28.31 21.31
CA SER A 1076 -16.21 -29.65 21.79
C SER A 1076 -17.26 -30.65 21.34
N ALA A 1077 -18.52 -30.22 21.24
CA ALA A 1077 -19.58 -31.11 20.75
C ALA A 1077 -19.47 -31.35 19.26
N ASP A 1078 -18.82 -30.45 18.52
CA ASP A 1078 -18.64 -30.61 17.08
C ASP A 1078 -17.63 -31.69 16.71
N GLU A 1079 -17.08 -32.41 17.69
CA GLU A 1079 -16.12 -33.47 17.42
C GLU A 1079 -16.76 -34.64 16.67
N ARG A 1080 -18.08 -34.81 16.78
CA ARG A 1080 -18.74 -35.92 16.08
C ARG A 1080 -18.85 -35.62 14.59
N ILE A 1081 -19.61 -34.57 14.26
CA ILE A 1081 -19.80 -34.03 12.91
C ILE A 1081 -20.57 -35.00 12.01
N ASP A 1082 -20.67 -36.25 12.47
CA ASP A 1082 -21.60 -37.29 12.06
C ASP A 1082 -21.44 -37.73 10.61
N GLU A 1083 -20.92 -36.89 9.73
CA GLU A 1083 -20.57 -37.39 8.42
C GLU A 1083 -19.37 -36.63 7.88
N GLU A 1084 -19.23 -35.40 8.37
CA GLU A 1084 -18.18 -34.51 7.88
C GLU A 1084 -16.84 -34.94 8.49
N ALA A 1085 -15.82 -35.02 7.64
CA ALA A 1085 -14.53 -35.54 8.06
C ALA A 1085 -13.41 -34.78 7.35
N PHE A 1086 -12.23 -34.86 7.97
CA PHE A 1086 -10.96 -34.39 7.44
C PHE A 1086 -10.87 -32.86 7.42
N ARG A 1087 -11.98 -32.20 7.74
CA ARG A 1087 -12.00 -30.76 7.91
C ARG A 1087 -12.12 -30.36 9.38
N ARG A 1088 -12.15 -31.35 10.28
CA ARG A 1088 -12.19 -31.06 11.71
C ARG A 1088 -10.95 -30.27 12.13
N ILE A 1089 -9.77 -30.69 11.66
CA ILE A 1089 -8.55 -29.96 11.97
C ILE A 1089 -8.57 -28.56 11.35
N VAL A 1090 -9.12 -28.44 10.13
CA VAL A 1090 -9.19 -27.13 9.49
C VAL A 1090 -10.13 -26.20 10.25
N ARG A 1091 -11.28 -26.72 10.70
CA ARG A 1091 -12.20 -25.90 11.48
C ARG A 1091 -11.57 -25.51 12.82
N PHE A 1092 -10.86 -26.45 13.46
CA PHE A 1092 -10.20 -26.14 14.72
C PHE A 1092 -9.15 -25.04 14.54
N LEU A 1093 -8.37 -25.12 13.45
CA LEU A 1093 -7.36 -24.10 13.20
C LEU A 1093 -7.99 -22.76 12.86
N LEU A 1094 -9.08 -22.76 12.08
CA LEU A 1094 -9.76 -21.52 11.76
C LEU A 1094 -10.39 -20.88 13.00
N GLY A 1095 -10.80 -21.70 13.97
CA GLY A 1095 -11.34 -21.16 15.21
C GLY A 1095 -10.24 -20.67 16.15
N PHE A 1096 -9.08 -21.31 16.12
CA PHE A 1096 -7.99 -20.90 17.01
C PHE A 1096 -7.23 -19.68 16.52
N VAL A 1097 -7.53 -19.18 15.32
CA VAL A 1097 -6.83 -18.00 14.82
C VAL A 1097 -7.20 -16.75 15.62
N GLU A 1098 -8.37 -16.74 16.25
CA GLU A 1098 -8.80 -15.59 17.03
C GLU A 1098 -8.11 -15.57 18.40
N UNK A 1102 -4.68 -14.95 23.84
CA UNK A 1102 -4.92 -15.82 24.98
C UNK A 1102 -3.64 -16.52 25.41
N UNK A 1103 -3.27 -16.36 26.68
CA UNK A 1103 -2.10 -17.03 27.23
C UNK A 1103 -2.46 -17.99 28.35
N UNK A 1104 -3.17 -17.52 29.38
CA UNK A 1104 -3.57 -18.39 30.49
C UNK A 1104 -4.79 -19.22 30.16
N UNK A 1105 -5.59 -18.80 29.17
CA UNK A 1105 -6.81 -19.50 28.80
C UNK A 1105 -6.57 -20.96 28.44
N UNK A 1106 -5.32 -21.36 28.24
CA UNK A 1106 -5.04 -22.77 27.95
C UNK A 1106 -5.44 -23.66 29.12
N UNK A 1107 -5.45 -23.13 30.34
CA UNK A 1107 -5.76 -23.94 31.51
C UNK A 1107 -7.08 -24.68 31.34
N UNK A 1108 -8.14 -23.96 30.96
CA UNK A 1108 -9.45 -24.57 30.81
C UNK A 1108 -9.45 -25.69 29.76
N UNK A 1109 -8.55 -25.62 28.78
CA UNK A 1109 -8.49 -26.68 27.78
C UNK A 1109 -7.94 -27.97 28.38
N UNK A 1110 -7.06 -27.88 29.38
CA UNK A 1110 -6.42 -29.06 29.93
C UNK A 1110 -7.41 -30.05 30.51
N UNK A 1111 -8.59 -29.57 30.94
CA UNK A 1111 -9.60 -30.47 31.47
C UNK A 1111 -10.26 -31.28 30.35
N UNK A 1112 -10.40 -30.70 29.17
CA UNK A 1112 -11.10 -31.40 28.11
C UNK A 1112 -10.18 -32.36 27.37
N UNK A 1113 -8.92 -31.96 27.17
CA UNK A 1113 -7.96 -32.79 26.46
C UNK A 1113 -7.51 -33.97 27.32
N UNK A 1114 -6.48 -41.57 16.34
CA UNK A 1114 -6.89 -41.02 17.62
C UNK A 1114 -8.39 -40.73 17.64
N UNK A 1115 -9.12 -41.45 18.49
CA UNK A 1115 -10.56 -41.26 18.62
C UNK A 1115 -10.88 -40.24 19.70
N UNK A 1116 -10.46 -40.50 20.94
CA UNK A 1116 -10.58 -39.53 22.02
C UNK A 1116 -9.37 -38.62 22.12
N UNK A 1117 -8.22 -39.06 21.64
CA UNK A 1117 -6.99 -38.26 21.68
C UNK A 1117 -6.92 -37.26 20.55
N UNK A 1118 -7.93 -37.21 19.67
CA UNK A 1118 -7.93 -36.21 18.61
C UNK A 1118 -8.04 -34.80 19.20
N UNK A 1119 -8.80 -34.65 20.29
CA UNK A 1119 -8.96 -33.35 20.93
C UNK A 1119 -7.63 -32.85 21.50
N UNK A 1120 -6.86 -33.74 22.13
CA UNK A 1120 -5.57 -33.32 22.69
C UNK A 1120 -4.57 -33.02 21.58
N UNK A 1121 -4.58 -33.83 20.51
CA UNK A 1121 -3.72 -33.55 19.37
C UNK A 1121 -4.04 -32.21 18.74
N UNK A 1122 -5.33 -31.83 18.72
CA UNK A 1122 -5.69 -30.51 18.24
C UNK A 1122 -5.30 -29.42 19.25
N UNK A 1123 -5.38 -29.74 20.55
CA UNK A 1123 -5.00 -28.77 21.58
C UNK A 1123 -3.51 -28.49 21.58
N UNK A 1124 -2.70 -29.41 21.05
CA UNK A 1124 -1.26 -29.16 20.96
C UNK A 1124 -0.93 -27.92 20.12
N UNK A 1125 -1.83 -27.50 19.24
CA UNK A 1125 -1.57 -26.34 18.40
C UNK A 1125 -1.64 -25.03 19.17
N UNK A 1126 -2.34 -25.01 20.31
CA UNK A 1126 -2.43 -23.79 21.10
C UNK A 1126 -1.13 -23.49 21.81
N UNK A 1127 -0.35 -24.51 22.13
CA UNK A 1127 0.94 -24.35 22.79
C UNK A 1127 2.09 -24.15 21.81
N UNK A 1128 1.81 -24.19 20.51
CA UNK A 1128 2.83 -23.98 19.49
C UNK A 1128 3.21 -22.52 19.31
N UNK A 1129 2.68 -21.63 20.14
CA UNK A 1129 2.99 -20.21 20.05
C UNK A 1129 4.44 -19.93 20.45
N SER B 20 28.26 -18.33 -5.18
CA SER B 20 26.88 -17.91 -5.41
C SER B 20 25.95 -19.12 -5.37
N GLU B 21 26.55 -20.31 -5.28
CA GLU B 21 25.79 -21.55 -5.31
C GLU B 21 24.81 -21.63 -4.15
N ALA B 22 25.33 -21.54 -2.92
CA ALA B 22 24.48 -21.70 -1.74
C ALA B 22 23.66 -20.46 -1.43
N THR B 23 24.05 -19.28 -1.95
CA THR B 23 23.25 -18.09 -1.73
C THR B 23 22.01 -18.07 -2.61
N LEU B 24 22.09 -18.66 -3.80
CA LEU B 24 20.95 -18.72 -4.70
C LEU B 24 20.09 -19.93 -4.38
N ALA B 25 18.80 -19.81 -4.67
CA ALA B 25 17.88 -20.92 -4.50
C ALA B 25 17.67 -21.61 -5.83
N PRO B 26 17.40 -22.91 -5.83
CA PRO B 26 17.16 -23.62 -7.08
C PRO B 26 15.71 -23.61 -7.50
N SER B 27 15.51 -23.50 -8.82
CA SER B 27 14.27 -23.79 -9.53
C SER B 27 13.14 -22.80 -9.32
N PHE B 28 13.29 -21.90 -8.34
CA PHE B 28 12.21 -21.02 -7.90
C PHE B 28 11.08 -21.76 -7.20
N ALA B 29 11.06 -23.08 -7.29
CA ALA B 29 10.00 -23.82 -6.61
C ALA B 29 10.23 -23.81 -5.09
N SER B 30 11.48 -23.62 -4.67
CA SER B 30 11.77 -23.47 -3.25
C SER B 30 11.27 -22.13 -2.72
N LEU B 31 11.06 -21.15 -3.60
CA LEU B 31 10.49 -19.85 -3.24
C LEU B 31 9.07 -19.68 -3.76
N GLN B 32 8.37 -20.78 -4.03
CA GLN B 32 7.10 -20.77 -4.77
C GLN B 32 6.01 -20.37 -3.77
N LEU B 33 4.75 -20.46 -4.16
CA LEU B 33 3.62 -20.80 -3.31
C LEU B 33 2.41 -20.82 -4.24
N LYS B 34 1.31 -21.38 -3.74
CA LYS B 34 0.13 -21.53 -4.58
C LYS B 34 -1.18 -21.17 -3.90
N LYS B 35 -1.20 -21.13 -2.57
CA LYS B 35 -2.37 -20.70 -1.81
C LYS B 35 -2.14 -19.27 -1.33
N LEU B 36 -2.94 -18.34 -1.87
CA LEU B 36 -2.89 -16.93 -1.50
C LEU B 36 -3.83 -16.65 -0.34
N GLU B 37 -3.48 -15.68 0.50
CA GLU B 37 -4.32 -15.26 1.61
C GLU B 37 -5.31 -14.23 1.06
N LEU B 38 -6.41 -14.74 0.53
CA LEU B 38 -7.38 -13.96 -0.24
C LEU B 38 -8.58 -13.65 0.65
N GLU B 39 -8.43 -12.56 1.41
CA GLU B 39 -8.99 -12.36 2.75
C GLU B 39 -10.40 -12.93 2.91
N PHE B 40 -11.40 -12.36 2.21
CA PHE B 40 -12.74 -12.96 2.12
C PHE B 40 -13.63 -12.06 1.27
N ALA B 41 -14.86 -12.54 1.03
CA ALA B 41 -15.72 -12.12 -0.07
C ALA B 41 -16.75 -11.06 0.27
N VAL B 42 -16.85 -10.60 1.51
CA VAL B 42 -18.10 -10.20 2.15
C VAL B 42 -19.04 -9.44 1.22
N ASP B 43 -20.31 -9.84 1.23
CA ASP B 43 -21.32 -9.34 0.30
C ASP B 43 -21.58 -7.85 0.53
N PRO B 44 -21.71 -7.05 -0.54
CA PRO B 44 -22.00 -5.62 -0.37
C PRO B 44 -23.40 -5.34 0.18
N PHE B 45 -24.38 -6.18 -0.14
CA PHE B 45 -25.72 -6.01 0.43
C PHE B 45 -25.65 -6.07 1.95
N PHE B 46 -24.79 -6.96 2.48
CA PHE B 46 -24.61 -7.05 3.93
C PHE B 46 -24.02 -5.76 4.47
N LYS B 47 -23.07 -5.16 3.75
CA LYS B 47 -22.43 -3.93 4.20
C LYS B 47 -23.41 -2.76 4.20
N LYS B 48 -24.33 -2.73 3.23
CA LYS B 48 -25.34 -1.67 3.21
C LYS B 48 -26.41 -1.91 4.29
N ALA B 49 -26.78 -3.18 4.51
CA ALA B 49 -27.78 -3.49 5.52
C ALA B 49 -27.28 -3.17 6.91
N SER B 50 -25.97 -3.31 7.15
CA SER B 50 -25.41 -2.89 8.43
C SER B 50 -25.59 -1.39 8.63
N ALA B 51 -25.39 -0.61 7.57
CA ALA B 51 -25.46 0.84 7.71
C ALA B 51 -26.90 1.33 7.82
N ASP B 52 -27.84 0.63 7.18
CA ASP B 52 -29.23 1.07 7.19
C ASP B 52 -30.02 0.56 8.40
N PHE B 53 -29.56 -0.50 9.06
CA PHE B 53 -30.28 -1.03 10.22
C PHE B 53 -29.45 -0.90 11.49
N GLY B 57 -32.71 0.22 13.43
CA GLY B 57 -33.53 -0.11 14.58
C GLY B 57 -34.97 0.33 14.45
N ALA B 58 -35.82 -0.62 14.05
CA ALA B 58 -37.28 -0.50 14.01
C ALA B 58 -37.73 0.44 12.90
N LYS B 59 -36.81 1.23 12.36
CA LYS B 59 -37.05 1.99 11.14
C LYS B 59 -36.34 1.36 9.95
N GLY B 60 -35.14 0.83 10.18
CA GLY B 60 -34.56 -0.19 9.33
C GLY B 60 -34.97 -1.55 9.85
N LEU B 61 -36.24 -1.92 9.61
CA LEU B 61 -36.82 -3.15 10.16
C LEU B 61 -36.21 -4.42 9.57
N LEU B 62 -35.40 -4.29 8.52
CA LEU B 62 -34.81 -5.32 7.65
C LEU B 62 -35.79 -5.82 6.59
N LEU B 63 -37.05 -5.41 6.62
CA LEU B 63 -37.92 -5.56 5.47
C LEU B 63 -38.26 -4.23 4.84
N ASN B 64 -37.83 -3.12 5.44
CA ASN B 64 -38.01 -1.79 4.88
C ASN B 64 -36.85 -1.37 3.97
N HIS B 65 -35.78 -1.94 4.48
CA HIS B 65 -34.40 -1.99 4.14
C HIS B 65 -34.16 -2.70 2.85
N LEU B 66 -34.82 -3.82 2.66
CA LEU B 66 -34.65 -4.65 1.49
C LEU B 66 -35.30 -4.14 0.25
N MSE B 67 -34.97 -4.75 -0.87
CA MSE B 67 -35.54 -4.35 -2.13
C MSE B 67 -36.13 -5.56 -2.73
O MSE B 67 -35.70 -6.67 -2.44
CB MSE B 67 -34.40 -3.95 -3.04
CG MSE B 67 -34.86 -2.99 -4.09
SE MSE B 67 -34.38 -1.33 -3.28
CE MSE B 67 -33.39 -0.66 -4.79
N ILE B 68 -37.13 -5.38 -3.56
CA ILE B 68 -37.79 -6.49 -4.20
C ILE B 68 -36.97 -6.91 -5.37
N ASP B 69 -37.34 -8.00 -5.99
CA ASP B 69 -36.63 -8.54 -7.15
C ASP B 69 -37.54 -8.59 -8.38
N SER B 70 -36.91 -8.75 -9.55
CA SER B 70 -37.67 -8.93 -10.80
C SER B 70 -38.42 -10.25 -10.80
N GLN B 71 -37.81 -11.31 -10.27
CA GLN B 71 -38.51 -12.58 -10.15
C GLN B 71 -39.64 -12.49 -9.13
N GLY B 72 -39.52 -11.60 -8.15
CA GLY B 72 -40.53 -11.46 -7.11
C GLY B 72 -40.08 -11.93 -5.74
N ARG B 73 -38.80 -11.75 -5.41
CA ARG B 73 -38.26 -12.15 -4.12
C ARG B 73 -37.53 -10.96 -3.50
N ILE B 74 -36.99 -11.18 -2.30
CA ILE B 74 -36.26 -10.15 -1.56
C ILE B 74 -34.77 -10.47 -1.65
N VAL B 75 -33.99 -9.49 -2.10
CA VAL B 75 -32.59 -9.71 -2.46
C VAL B 75 -31.72 -9.32 -1.28
N PHE B 76 -31.15 -10.32 -0.63
CA PHE B 76 -30.07 -10.18 0.35
C PHE B 76 -28.77 -10.79 -0.14
N ASP B 77 -28.86 -11.94 -0.81
CA ASP B 77 -27.71 -12.59 -1.44
C ASP B 77 -27.54 -12.07 -2.86
N SER B 78 -26.30 -11.73 -3.21
CA SER B 78 -26.02 -11.14 -4.51
C SER B 78 -26.07 -12.19 -5.62
N UNK C 1 -53.43 14.60 10.51
CA UNK C 1 -54.86 14.64 10.77
C UNK C 1 -55.50 13.28 10.46
N UNK C 2 -55.02 12.24 11.15
CA UNK C 2 -55.54 10.90 10.94
C UNK C 2 -55.40 10.12 12.24
N UNK C 3 -56.49 9.46 12.65
CA UNK C 3 -56.49 8.64 13.85
C UNK C 3 -56.41 7.15 13.57
N UNK C 4 -56.80 6.72 12.36
CA UNK C 4 -56.74 5.32 11.99
C UNK C 4 -56.13 5.19 10.59
N UNK C 5 -55.38 4.12 10.38
CA UNK C 5 -54.78 3.89 9.07
C UNK C 5 -55.80 3.42 8.04
N UNK C 6 -56.92 2.87 8.47
CA UNK C 6 -57.94 2.40 7.54
C UNK C 6 -59.02 3.47 7.38
N UNK C 7 -63.27 4.46 5.85
CA UNK C 7 -64.63 3.96 5.77
C UNK C 7 -65.00 3.61 4.33
N UNK C 8 -65.25 2.33 4.09
CA UNK C 8 -65.64 1.85 2.77
C UNK C 8 -66.58 0.67 2.92
N UNK C 9 -67.23 0.30 1.82
CA UNK C 9 -68.21 -0.79 1.83
C UNK C 9 -68.18 -1.50 0.49
N UNK C 10 -68.17 -2.83 0.54
CA UNK C 10 -68.15 -3.66 -0.67
C UNK C 10 -68.87 -4.97 -0.37
N UNK C 11 -69.03 -5.80 -1.41
CA UNK C 11 -69.78 -7.03 -1.28
C UNK C 11 -69.00 -8.10 -0.53
N UNK C 12 -67.75 -8.34 -0.92
CA UNK C 12 -66.94 -9.39 -0.32
C UNK C 12 -66.56 -8.99 1.10
N UNK C 13 -67.12 -9.69 2.09
CA UNK C 13 -66.82 -9.37 3.48
C UNK C 13 -65.42 -9.85 3.86
N UNK C 14 -65.18 -11.15 3.73
CA UNK C 14 -63.85 -11.71 3.92
C UNK C 14 -63.50 -12.77 2.88
N UNK C 15 -64.35 -13.00 1.88
CA UNK C 15 -64.10 -14.00 0.86
C UNK C 15 -64.61 -13.50 -0.48
N UNK C 16 -63.80 -13.67 -1.53
CA UNK C 16 -64.16 -13.26 -2.88
C UNK C 16 -63.86 -14.40 -3.84
N UNK C 17 -64.83 -14.74 -4.70
CA UNK C 17 -64.73 -15.93 -5.53
C UNK C 17 -63.96 -15.62 -6.81
N UNK C 18 -62.70 -16.08 -6.88
CA UNK C 18 -61.87 -15.95 -8.07
C UNK C 18 -61.43 -17.31 -8.62
N UNK C 19 -60.80 -18.16 -7.80
CA UNK C 19 -60.56 -19.56 -8.13
C UNK C 19 -59.68 -19.83 -9.35
N UNK C 20 -58.39 -19.51 -9.29
CA UNK C 20 -57.44 -20.07 -10.25
C UNK C 20 -57.59 -21.59 -10.30
#